data_3AYV
#
_entry.id   3AYV
#
_cell.length_a   67.085
_cell.length_b   93.375
_cell.length_c   87.379
_cell.angle_alpha   90.000
_cell.angle_beta   95.860
_cell.angle_gamma   90.000
#
_symmetry.space_group_name_H-M   'P 1 21 1'
#
loop_
_entity.id
_entity.type
_entity.pdbx_description
1 polymer 'Putative uncharacterized protein TTHB071'
2 non-polymer 'ZINC ION'
3 water water
#
_entity_poly.entity_id   1
_entity_poly.type   'polypeptide(L)'
_entity_poly.pdbx_seq_one_letter_code
;MDVRLAFPLSRAEEALPRLQALGLGAEVYLDPALLEEDALFQSLRRRFSGKLSVHLPFWNLDLLSPDPEVRGLTLRRLLF
GLDRAAELGADRAVFHSGIPHGRTPEEALERALPLAEALGLVVRRARTLGVRLLLENSHEPHPEALRPVLEAHAGELGFC
FDAAHARVFSRTPDPGPWLALAPEHLHLNDTDGVYDRHWNLGRGVLGHGAWLRPYLDRTMVLEVREDPEASLAFLQALAG
EGRTALDRLLMGER
;
_entity_poly.pdbx_strand_id   A,B,C,D
#
loop_
_chem_comp.id
_chem_comp.type
_chem_comp.name
_chem_comp.formula
ZN non-polymer 'ZINC ION' 'Zn 2'
#
# COMPACT_ATOMS: atom_id res chain seq x y z
N MET A 1 13.39 32.60 19.25
CA MET A 1 12.63 31.35 18.96
C MET A 1 11.18 31.50 19.37
N ASP A 2 10.28 30.95 18.56
CA ASP A 2 8.86 30.92 18.82
C ASP A 2 8.55 29.58 19.50
N VAL A 3 8.52 29.60 20.83
CA VAL A 3 8.34 28.39 21.63
C VAL A 3 7.07 28.55 22.42
N ARG A 4 6.19 27.55 22.33
CA ARG A 4 4.87 27.65 22.87
C ARG A 4 4.64 26.45 23.78
N LEU A 5 3.77 26.62 24.78
CA LEU A 5 3.36 25.52 25.64
C LEU A 5 1.96 24.99 25.26
N ALA A 6 1.87 23.68 25.07
CA ALA A 6 0.58 23.00 24.89
C ALA A 6 -0.11 22.82 26.24
N PHE A 7 -1.39 23.17 26.30
CA PHE A 7 -2.23 22.88 27.46
C PHE A 7 -3.68 22.82 27.00
N PRO A 8 -4.51 22.00 27.66
CA PRO A 8 -5.94 22.06 27.36
C PRO A 8 -6.60 23.32 27.91
N LEU A 9 -7.63 23.80 27.21
CA LEU A 9 -8.44 24.91 27.68
C LEU A 9 -8.91 24.66 29.12
N SER A 10 -9.17 23.38 29.44
CA SER A 10 -9.64 22.99 30.77
C SER A 10 -8.61 23.25 31.88
N ARG A 11 -7.36 23.47 31.50
CA ARG A 11 -6.30 23.74 32.47
C ARG A 11 -5.63 25.08 32.22
N ALA A 12 -6.34 26.02 31.59
CA ALA A 12 -5.73 27.29 31.20
C ALA A 12 -5.32 28.11 32.43
N GLU A 13 -6.23 28.21 33.41
CA GLU A 13 -5.96 28.90 34.69
C GLU A 13 -4.64 28.44 35.30
N GLU A 14 -4.39 27.15 35.18
CA GLU A 14 -3.25 26.48 35.75
C GLU A 14 -1.96 26.69 34.95
N ALA A 15 -2.08 26.84 33.63
CA ALA A 15 -0.89 26.96 32.74
C ALA A 15 -0.44 28.39 32.46
N LEU A 16 -1.37 29.33 32.45
CA LEU A 16 -1.09 30.75 32.17
C LEU A 16 0.04 31.40 32.99
N PRO A 17 0.02 31.24 34.34
CA PRO A 17 1.12 31.84 35.10
C PRO A 17 2.49 31.32 34.68
N ARG A 18 2.58 30.03 34.37
CA ARG A 18 3.84 29.42 33.98
C ARG A 18 4.33 29.91 32.60
N LEU A 19 3.38 30.18 31.70
CA LEU A 19 3.63 30.77 30.37
C LEU A 19 4.28 32.14 30.45
N GLN A 20 3.69 32.98 31.30
CA GLN A 20 4.15 34.34 31.54
C GLN A 20 5.60 34.27 32.02
N ALA A 21 5.82 33.43 33.03
CA ALA A 21 7.09 33.36 33.75
C ALA A 21 8.23 32.86 32.88
N LEU A 22 7.92 32.00 31.91
CA LEU A 22 8.93 31.48 31.03
C LEU A 22 8.98 32.20 29.67
N GLY A 23 8.06 33.13 29.46
CA GLY A 23 7.97 33.88 28.18
C GLY A 23 7.57 32.99 27.02
N LEU A 24 6.69 32.03 27.28
CA LEU A 24 6.24 31.10 26.25
C LEU A 24 4.95 31.56 25.57
N GLY A 25 4.80 31.17 24.31
CA GLY A 25 3.52 31.30 23.63
C GLY A 25 2.59 30.15 24.05
N ALA A 26 1.44 30.04 23.39
CA ALA A 26 0.44 29.06 23.79
C ALA A 26 -0.04 28.24 22.60
N GLU A 27 -0.26 26.94 22.82
CA GLU A 27 -1.09 26.16 21.91
C GLU A 27 -2.17 25.48 22.72
N VAL A 28 -3.40 25.96 22.57
CA VAL A 28 -4.49 25.57 23.42
C VAL A 28 -5.32 24.46 22.79
N TYR A 29 -5.45 23.36 23.50
CA TYR A 29 -6.31 22.28 23.01
C TYR A 29 -7.75 22.55 23.38
N LEU A 30 -8.62 22.48 22.38
CA LEU A 30 -10.01 22.88 22.57
C LEU A 30 -10.84 21.68 23.04
N ASP A 31 -10.85 21.46 24.37
CA ASP A 31 -11.69 20.41 25.01
C ASP A 31 -13.09 20.44 24.39
N PRO A 32 -13.50 19.33 23.75
CA PRO A 32 -14.84 19.28 23.14
C PRO A 32 -15.97 19.64 24.11
N ALA A 33 -15.86 19.19 25.36
CA ALA A 33 -16.88 19.48 26.39
C ALA A 33 -17.01 20.99 26.67
N LEU A 34 -15.98 21.76 26.33
CA LEU A 34 -15.91 23.18 26.65
C LEU A 34 -16.13 24.10 25.46
N LEU A 35 -16.48 23.55 24.30
CA LEU A 35 -16.56 24.34 23.08
C LEU A 35 -17.62 25.44 23.12
N GLU A 36 -18.70 25.20 23.84
CA GLU A 36 -19.82 26.15 23.93
C GLU A 36 -19.66 27.16 25.08
N GLU A 37 -18.56 27.12 25.81
CA GLU A 37 -18.40 27.96 27.00
C GLU A 37 -17.80 29.33 26.64
N ASP A 38 -18.66 30.23 26.15
CA ASP A 38 -18.27 31.58 25.72
C ASP A 38 -17.33 32.32 26.67
N ALA A 39 -17.62 32.27 27.98
CA ALA A 39 -16.88 33.01 28.99
C ALA A 39 -15.43 32.57 29.09
N LEU A 40 -15.17 31.27 28.91
CA LEU A 40 -13.81 30.75 28.99
C LEU A 40 -12.92 31.27 27.86
N PHE A 41 -13.53 31.49 26.70
CA PHE A 41 -12.82 32.03 25.53
C PHE A 41 -12.56 33.53 25.70
N GLN A 42 -13.58 34.23 26.21
CA GLN A 42 -13.45 35.65 26.56
C GLN A 42 -12.35 35.86 27.61
N SER A 43 -12.41 35.06 28.67
CA SER A 43 -11.44 35.14 29.74
C SER A 43 -10.01 34.87 29.26
N LEU A 44 -9.83 33.91 28.35
CA LEU A 44 -8.51 33.57 27.86
C LEU A 44 -7.95 34.68 26.97
N ARG A 45 -8.78 35.16 26.06
CA ARG A 45 -8.42 36.22 25.12
C ARG A 45 -8.01 37.51 25.84
N ARG A 46 -8.62 37.80 26.98
CA ARG A 46 -8.24 38.98 27.77
C ARG A 46 -6.94 38.74 28.53
N ARG A 47 -6.84 37.57 29.16
CA ARG A 47 -5.76 37.26 30.11
C ARG A 47 -4.43 36.84 29.45
N PHE A 48 -4.43 36.66 28.13
CA PHE A 48 -3.22 36.30 27.41
C PHE A 48 -3.10 37.07 26.11
N SER A 49 -1.92 37.62 25.88
CA SER A 49 -1.58 38.21 24.61
C SER A 49 -0.12 37.87 24.41
N GLY A 50 0.20 37.40 23.22
CA GLY A 50 1.42 36.63 22.98
C GLY A 50 0.96 35.63 21.93
N LYS A 51 1.88 34.88 21.33
CA LYS A 51 1.54 34.05 20.18
C LYS A 51 0.67 32.87 20.60
N LEU A 52 -0.40 32.64 19.86
CA LEU A 52 -1.34 31.58 20.21
C LEU A 52 -1.74 30.77 18.98
N SER A 53 -1.76 29.46 19.15
CA SER A 53 -2.26 28.55 18.14
C SER A 53 -3.21 27.61 18.89
N VAL A 54 -3.96 26.78 18.17
CA VAL A 54 -4.86 25.85 18.86
C VAL A 54 -4.64 24.44 18.34
N HIS A 55 -4.97 23.47 19.20
CA HIS A 55 -5.11 22.07 18.74
C HIS A 55 -6.60 21.79 18.66
N LEU A 56 -7.08 21.48 17.45
CA LEU A 56 -8.47 21.18 17.22
C LEU A 56 -8.83 19.84 17.88
N PRO A 57 -10.13 19.62 18.15
CA PRO A 57 -10.53 18.33 18.74
C PRO A 57 -10.03 17.16 17.87
N PHE A 58 -9.78 16.00 18.51
CA PHE A 58 -9.34 14.83 17.76
C PHE A 58 -9.82 13.49 18.34
N TRP A 59 -10.07 13.44 19.65
CA TRP A 59 -10.37 12.14 20.26
C TRP A 59 -11.59 11.51 19.59
N ASN A 60 -11.43 10.27 19.09
CA ASN A 60 -12.53 9.53 18.47
C ASN A 60 -13.13 10.19 17.24
N LEU A 61 -12.38 11.06 16.59
CA LEU A 61 -12.89 11.70 15.38
C LEU A 61 -12.18 11.17 14.13
N ASP A 62 -12.91 11.16 13.02
CA ASP A 62 -12.38 10.79 11.72
C ASP A 62 -13.37 11.21 10.64
N LEU A 63 -12.93 12.12 9.76
CA LEU A 63 -13.75 12.52 8.61
C LEU A 63 -14.12 11.32 7.69
N LEU A 64 -13.32 10.28 7.75
CA LEU A 64 -13.49 9.12 6.89
C LEU A 64 -13.99 7.91 7.68
N SER A 65 -14.49 8.15 8.90
CA SER A 65 -15.11 7.07 9.68
C SER A 65 -16.19 6.30 8.86
N PRO A 66 -16.23 4.96 9.00
CA PRO A 66 -17.36 4.22 8.39
C PRO A 66 -18.70 4.56 9.06
N ASP A 67 -18.66 5.18 10.23
CA ASP A 67 -19.88 5.58 10.95
C ASP A 67 -20.27 6.99 10.47
N PRO A 68 -21.45 7.13 9.83
CA PRO A 68 -21.79 8.45 9.29
C PRO A 68 -21.97 9.51 10.38
N GLU A 69 -22.44 9.12 11.56
CA GLU A 69 -22.62 10.10 12.64
C GLU A 69 -21.27 10.62 13.16
N VAL A 70 -20.27 9.75 13.18
CA VAL A 70 -18.91 10.18 13.52
C VAL A 70 -18.36 11.16 12.46
N ARG A 71 -18.60 10.88 11.19
CA ARG A 71 -18.14 11.82 10.13
C ARG A 71 -18.76 13.19 10.33
N GLY A 72 -20.08 13.21 10.59
CA GLY A 72 -20.84 14.45 10.84
C GLY A 72 -20.31 15.22 12.04
N LEU A 73 -20.14 14.51 13.15
CA LEU A 73 -19.61 15.09 14.38
C LEU A 73 -18.19 15.67 14.18
N THR A 74 -17.35 14.90 13.47
CA THR A 74 -15.97 15.30 13.20
C THR A 74 -15.94 16.64 12.43
N LEU A 75 -16.75 16.71 11.37
CA LEU A 75 -16.84 17.95 10.62
C LEU A 75 -17.28 19.12 11.50
N ARG A 76 -18.34 18.92 12.31
CA ARG A 76 -18.82 19.97 13.24
C ARG A 76 -17.74 20.40 14.24
N ARG A 77 -17.02 19.42 14.79
CA ARG A 77 -15.93 19.69 15.75
C ARG A 77 -14.78 20.52 15.14
N LEU A 78 -14.36 20.17 13.91
CA LEU A 78 -13.29 20.91 13.26
C LEU A 78 -13.72 22.35 12.92
N LEU A 79 -14.90 22.49 12.35
CA LEU A 79 -15.43 23.81 11.95
C LEU A 79 -15.69 24.74 13.15
N PHE A 80 -16.27 24.21 14.21
CA PHE A 80 -16.52 25.01 15.41
C PHE A 80 -15.22 25.37 16.10
N GLY A 81 -14.30 24.40 16.19
CA GLY A 81 -12.97 24.63 16.73
C GLY A 81 -12.28 25.76 15.96
N LEU A 82 -12.45 25.78 14.64
CA LEU A 82 -11.83 26.86 13.83
C LEU A 82 -12.47 28.23 14.19
N ASP A 83 -13.78 28.26 14.35
CA ASP A 83 -14.46 29.49 14.86
C ASP A 83 -13.83 30.01 16.15
N ARG A 84 -13.66 29.12 17.12
CA ARG A 84 -13.03 29.47 18.38
C ARG A 84 -11.56 29.91 18.25
N ALA A 85 -10.81 29.24 17.37
CA ALA A 85 -9.44 29.60 17.08
C ALA A 85 -9.36 31.05 16.62
N ALA A 86 -10.26 31.43 15.72
CA ALA A 86 -10.28 32.78 15.14
C ALA A 86 -10.63 33.80 16.22
N GLU A 87 -11.58 33.45 17.09
CA GLU A 87 -11.97 34.27 18.22
C GLU A 87 -10.79 34.53 19.18
N LEU A 88 -9.95 33.51 19.37
CA LEU A 88 -8.78 33.65 20.21
C LEU A 88 -7.61 34.30 19.48
N GLY A 89 -7.81 34.66 18.21
CA GLY A 89 -6.71 35.22 17.39
C GLY A 89 -5.59 34.25 17.10
N ALA A 90 -5.90 32.96 16.96
CA ALA A 90 -4.89 31.95 16.66
C ALA A 90 -4.28 32.16 15.29
N ASP A 91 -2.98 31.93 15.18
CA ASP A 91 -2.32 31.99 13.88
C ASP A 91 -2.48 30.66 13.14
N ARG A 92 -2.49 29.57 13.91
CA ARG A 92 -2.51 28.21 13.33
C ARG A 92 -3.46 27.31 14.10
N ALA A 93 -3.97 26.26 13.43
CA ALA A 93 -4.83 25.27 14.08
C ALA A 93 -4.34 23.92 13.63
N VAL A 94 -4.12 23.02 14.59
CA VAL A 94 -3.51 21.72 14.29
C VAL A 94 -4.59 20.65 14.43
N PHE A 95 -4.55 19.64 13.56
CA PHE A 95 -5.55 18.56 13.63
C PHE A 95 -4.88 17.26 13.18
N HIS A 96 -5.50 16.13 13.53
CA HIS A 96 -5.00 14.81 13.13
C HIS A 96 -5.76 14.29 11.91
N SER A 97 -5.19 13.31 11.20
CA SER A 97 -5.89 12.77 10.00
C SER A 97 -7.13 11.93 10.30
N GLY A 98 -7.23 11.41 11.52
CA GLY A 98 -8.34 10.54 11.88
C GLY A 98 -8.03 9.06 11.64
N ILE A 99 -6.86 8.78 11.06
CA ILE A 99 -6.52 7.37 10.72
C ILE A 99 -6.44 6.53 12.03
N PRO A 100 -7.08 5.34 12.05
CA PRO A 100 -6.98 4.41 13.20
C PRO A 100 -5.56 3.91 13.34
N HIS A 101 -5.18 3.48 14.53
CA HIS A 101 -3.89 2.87 14.69
C HIS A 101 -3.78 1.55 13.92
N GLY A 102 -2.61 1.28 13.37
CA GLY A 102 -2.31 -0.06 12.82
C GLY A 102 -2.78 -0.34 11.41
N ARG A 103 -3.06 0.71 10.62
CA ARG A 103 -3.35 0.50 9.21
C ARG A 103 -2.04 0.16 8.48
N THR A 104 -2.15 -0.61 7.40
CA THR A 104 -1.00 -0.90 6.55
C THR A 104 -0.65 0.33 5.72
N PRO A 105 0.56 0.39 5.16
CA PRO A 105 0.87 1.48 4.22
C PRO A 105 -0.16 1.64 3.11
N GLU A 106 -0.67 0.53 2.56
CA GLU A 106 -1.63 0.57 1.44
C GLU A 106 -2.91 1.20 1.92
N GLU A 107 -3.41 0.76 3.09
CA GLU A 107 -4.62 1.34 3.68
C GLU A 107 -4.48 2.84 3.96
N ALA A 108 -3.33 3.25 4.51
CA ALA A 108 -3.11 4.68 4.82
C ALA A 108 -3.08 5.50 3.53
N LEU A 109 -2.41 4.97 2.52
CA LEU A 109 -2.29 5.64 1.23
C LEU A 109 -3.64 5.80 0.56
N GLU A 110 -4.50 4.77 0.64
CA GLU A 110 -5.81 4.85 0.02
C GLU A 110 -6.73 5.90 0.67
N ARG A 111 -6.45 6.26 1.93
CA ARG A 111 -7.22 7.30 2.59
C ARG A 111 -6.82 8.68 2.13
N ALA A 112 -5.67 8.84 1.47
CA ALA A 112 -5.10 10.21 1.27
C ALA A 112 -6.00 11.16 0.47
N LEU A 113 -6.43 10.76 -0.72
CA LEU A 113 -7.23 11.68 -1.52
C LEU A 113 -8.67 11.82 -0.98
N PRO A 114 -9.28 10.71 -0.47
CA PRO A 114 -10.57 10.89 0.18
C PRO A 114 -10.49 11.88 1.36
N LEU A 115 -9.39 11.82 2.11
CA LEU A 115 -9.19 12.82 3.19
C LEU A 115 -9.04 14.27 2.62
N ALA A 116 -8.26 14.43 1.57
CA ALA A 116 -8.08 15.78 0.98
C ALA A 116 -9.44 16.34 0.58
N GLU A 117 -10.27 15.47 -0.01
CA GLU A 117 -11.59 15.87 -0.41
C GLU A 117 -12.48 16.23 0.79
N ALA A 118 -12.46 15.37 1.81
CA ALA A 118 -13.27 15.60 3.01
C ALA A 118 -12.84 16.87 3.76
N LEU A 119 -11.59 17.27 3.58
CA LEU A 119 -11.07 18.46 4.23
C LEU A 119 -11.44 19.75 3.49
N GLY A 120 -12.08 19.62 2.33
CA GLY A 120 -12.45 20.79 1.48
C GLY A 120 -13.07 21.93 2.30
N LEU A 121 -14.14 21.64 3.04
CA LEU A 121 -14.87 22.66 3.84
C LEU A 121 -14.05 23.20 4.99
N VAL A 122 -13.20 22.35 5.56
CA VAL A 122 -12.35 22.75 6.67
C VAL A 122 -11.25 23.71 6.21
N VAL A 123 -10.58 23.37 5.11
CA VAL A 123 -9.57 24.26 4.53
C VAL A 123 -10.21 25.61 4.13
N ARG A 124 -11.41 25.54 3.55
CA ARG A 124 -12.11 26.75 3.13
C ARG A 124 -12.45 27.64 4.32
N ARG A 125 -12.90 27.03 5.42
CA ARG A 125 -13.25 27.79 6.63
C ARG A 125 -12.01 28.45 7.23
N ALA A 126 -10.92 27.69 7.32
CA ALA A 126 -9.63 28.22 7.79
C ALA A 126 -9.17 29.42 6.94
N ARG A 127 -9.34 29.30 5.63
CA ARG A 127 -8.95 30.38 4.71
C ARG A 127 -9.79 31.63 4.97
N THR A 128 -11.10 31.46 5.08
CA THR A 128 -12.01 32.59 5.40
C THR A 128 -11.62 33.31 6.69
N LEU A 129 -11.31 32.52 7.72
CA LEU A 129 -10.91 33.04 9.03
C LEU A 129 -9.48 33.58 9.16
N GLY A 130 -8.62 33.28 8.20
CA GLY A 130 -7.24 33.71 8.25
C GLY A 130 -6.39 32.87 9.21
N VAL A 131 -6.82 31.63 9.43
CA VAL A 131 -6.12 30.69 10.31
C VAL A 131 -5.41 29.67 9.42
N ARG A 132 -4.13 29.44 9.68
CA ARG A 132 -3.34 28.48 8.91
C ARG A 132 -3.61 27.06 9.46
N LEU A 133 -4.04 26.14 8.59
CA LEU A 133 -4.43 24.78 9.01
C LEU A 133 -3.26 23.84 8.87
N LEU A 134 -3.01 23.04 9.91
CA LEU A 134 -1.84 22.17 9.90
C LEU A 134 -2.27 20.75 10.24
N LEU A 135 -1.87 19.81 9.40
CA LEU A 135 -2.09 18.39 9.67
C LEU A 135 -0.89 17.78 10.38
N GLU A 136 -1.15 17.11 11.52
CA GLU A 136 -0.09 16.51 12.34
C GLU A 136 -0.06 15.00 12.10
N ASN A 137 1.14 14.39 12.04
CA ASN A 137 1.19 12.92 11.94
C ASN A 137 0.77 12.32 13.29
N SER A 138 0.06 11.21 13.22
CA SER A 138 -0.39 10.47 14.40
C SER A 138 -0.04 9.00 14.22
N HIS A 139 -0.92 8.23 13.56
CA HIS A 139 -0.76 6.80 13.40
C HIS A 139 -0.39 6.36 11.99
N GLU A 140 -0.09 7.30 11.09
CA GLU A 140 0.25 6.91 9.71
C GLU A 140 1.55 6.11 9.76
N PRO A 141 1.60 4.99 9.04
CA PRO A 141 2.85 4.22 9.12
C PRO A 141 4.07 4.89 8.46
N HIS A 142 3.84 5.78 7.48
CA HIS A 142 4.91 6.38 6.68
C HIS A 142 4.40 7.71 6.11
N PRO A 143 5.29 8.70 5.97
CA PRO A 143 4.92 10.05 5.53
C PRO A 143 4.31 10.09 4.11
N GLU A 144 4.55 9.03 3.32
CA GLU A 144 3.95 8.93 1.98
C GLU A 144 2.42 9.01 1.98
N ALA A 145 1.76 8.64 3.10
CA ALA A 145 0.31 8.73 3.14
C ALA A 145 -0.18 10.16 3.39
N LEU A 146 0.71 11.02 3.89
CA LEU A 146 0.37 12.42 4.13
C LEU A 146 0.74 13.30 2.93
N ARG A 147 1.81 12.92 2.25
CA ARG A 147 2.28 13.73 1.12
C ARG A 147 1.17 14.09 0.08
N PRO A 148 0.35 13.11 -0.36
CA PRO A 148 -0.71 13.47 -1.33
C PRO A 148 -1.80 14.41 -0.77
N VAL A 149 -2.06 14.33 0.53
CA VAL A 149 -3.04 15.24 1.15
C VAL A 149 -2.52 16.67 1.02
N LEU A 150 -1.26 16.85 1.41
CA LEU A 150 -0.60 18.15 1.28
C LEU A 150 -0.56 18.63 -0.18
N GLU A 151 -0.17 17.74 -1.09
CA GLU A 151 -0.02 18.15 -2.49
C GLU A 151 -1.37 18.53 -3.11
N ALA A 152 -2.40 17.75 -2.79
CA ALA A 152 -3.75 18.06 -3.30
C ALA A 152 -4.18 19.46 -2.87
N HIS A 153 -3.75 19.90 -1.70
CA HIS A 153 -4.13 21.21 -1.24
C HIS A 153 -3.19 22.35 -1.67
N ALA A 154 -2.13 21.96 -2.38
CA ALA A 154 -1.25 22.89 -3.11
C ALA A 154 -0.82 24.08 -2.27
N GLY A 155 -0.32 23.82 -1.06
CA GLY A 155 0.18 24.89 -0.21
C GLY A 155 -0.80 25.51 0.76
N GLU A 156 -2.09 25.14 0.66
CA GLU A 156 -3.12 25.66 1.57
C GLU A 156 -3.24 24.85 2.88
N LEU A 157 -2.51 23.74 2.92
CA LEU A 157 -2.46 22.90 4.14
C LEU A 157 -1.00 22.69 4.54
N GLY A 158 -0.68 22.97 5.79
CA GLY A 158 0.69 22.76 6.25
C GLY A 158 0.79 21.45 7.02
N PHE A 159 2.02 21.14 7.46
CA PHE A 159 2.35 19.91 8.18
C PHE A 159 2.98 20.24 9.55
N CYS A 160 2.49 19.55 10.58
CA CYS A 160 3.06 19.63 11.92
C CYS A 160 3.70 18.27 12.22
N PHE A 161 5.00 18.25 12.50
CA PHE A 161 5.70 17.00 12.77
C PHE A 161 5.79 16.75 14.27
N ASP A 162 5.31 15.58 14.67
CA ASP A 162 5.46 15.08 16.01
C ASP A 162 6.34 13.86 15.98
N ALA A 163 7.59 14.00 16.42
CA ALA A 163 8.58 12.90 16.28
C ALA A 163 8.24 11.68 17.13
N ALA A 164 7.68 11.91 18.31
CA ALA A 164 7.31 10.80 19.19
C ALA A 164 6.19 9.94 18.56
N HIS A 165 5.22 10.58 17.91
CA HIS A 165 4.19 9.81 17.25
C HIS A 165 4.80 8.94 16.18
N ALA A 166 5.76 9.47 15.42
CA ALA A 166 6.44 8.64 14.41
C ALA A 166 7.17 7.45 15.07
N ARG A 167 7.80 7.72 16.21
CA ARG A 167 8.62 6.70 16.87
C ARG A 167 7.76 5.61 17.48
N VAL A 168 6.66 5.98 18.15
CA VAL A 168 5.87 4.97 18.85
C VAL A 168 4.69 4.41 18.07
N PHE A 169 4.16 5.15 17.09
CA PHE A 169 2.94 4.69 16.40
C PHE A 169 3.14 4.25 14.92
N SER A 170 4.21 4.69 14.28
CA SER A 170 4.40 4.49 12.83
C SER A 170 5.37 3.33 12.58
N ARG A 171 5.60 3.00 11.31
CA ARG A 171 6.65 2.04 10.92
C ARG A 171 7.89 2.74 10.40
N THR A 172 7.96 4.06 10.63
CA THR A 172 9.05 4.88 10.14
C THR A 172 9.58 5.71 11.33
N PRO A 173 10.36 5.06 12.22
CA PRO A 173 10.69 5.77 13.46
C PRO A 173 11.70 6.88 13.26
N ASP A 174 12.50 6.81 12.20
CA ASP A 174 13.48 7.85 11.93
C ASP A 174 12.78 9.14 11.51
N PRO A 175 13.27 10.29 12.02
CA PRO A 175 12.62 11.57 11.72
C PRO A 175 12.81 12.01 10.27
N GLY A 176 13.89 11.56 9.62
CA GLY A 176 14.24 11.98 8.24
C GLY A 176 13.10 12.04 7.21
N PRO A 177 12.45 10.89 6.96
CA PRO A 177 11.36 10.85 5.97
C PRO A 177 10.22 11.83 6.30
N TRP A 178 9.97 12.07 7.59
CA TRP A 178 8.92 12.99 8.01
C TRP A 178 9.35 14.44 7.83
N LEU A 179 10.58 14.73 8.20
CA LEU A 179 11.16 16.06 7.96
C LEU A 179 11.13 16.46 6.48
N ALA A 180 11.19 15.46 5.59
CA ALA A 180 11.12 15.70 4.14
C ALA A 180 9.79 16.33 3.69
N LEU A 181 8.78 16.30 4.57
CA LEU A 181 7.48 16.92 4.26
C LEU A 181 7.50 18.40 4.58
N ALA A 182 8.62 18.87 5.11
CA ALA A 182 8.82 20.30 5.35
C ALA A 182 7.86 20.86 6.42
N PRO A 183 7.90 20.27 7.64
CA PRO A 183 7.02 20.80 8.69
C PRO A 183 7.29 22.27 9.00
N GLU A 184 6.23 23.06 9.09
CA GLU A 184 6.38 24.43 9.49
C GLU A 184 6.15 24.62 10.99
N HIS A 185 5.80 23.51 11.67
CA HIS A 185 5.31 23.54 13.04
C HIS A 185 5.81 22.23 13.63
N LEU A 186 6.40 22.30 14.81
CA LEU A 186 6.92 21.08 15.43
C LEU A 186 6.32 20.87 16.79
N HIS A 187 5.89 19.63 17.02
CA HIS A 187 5.42 19.22 18.33
C HIS A 187 6.57 18.48 19.00
N LEU A 188 7.05 19.05 20.11
CA LEU A 188 8.27 18.57 20.75
C LEU A 188 8.04 17.95 22.10
N ASN A 189 8.63 16.78 22.28
CA ASN A 189 8.72 16.11 23.58
C ASN A 189 9.63 14.92 23.41
N ASP A 190 9.78 14.09 24.46
CA ASP A 190 10.54 12.86 24.33
C ASP A 190 9.74 11.65 24.82
N THR A 191 10.22 10.48 24.44
CA THR A 191 9.54 9.22 24.70
C THR A 191 10.61 8.17 24.99
N ASP A 192 10.22 7.13 25.72
CA ASP A 192 11.08 5.95 25.90
C ASP A 192 11.10 5.02 24.69
N GLY A 193 10.37 5.37 23.63
CA GLY A 193 10.28 4.54 22.47
C GLY A 193 9.16 3.53 22.52
N VAL A 194 8.39 3.53 23.60
CA VAL A 194 7.29 2.56 23.79
C VAL A 194 5.94 3.26 23.89
N TYR A 195 5.85 4.27 24.76
CA TYR A 195 4.63 5.03 24.93
C TYR A 195 4.84 6.48 24.52
N ASP A 196 3.76 7.13 24.13
CA ASP A 196 3.80 8.57 23.88
C ASP A 196 3.84 9.33 25.21
N ARG A 197 5.04 9.48 25.75
CA ARG A 197 5.24 9.91 27.14
C ARG A 197 5.03 11.37 27.41
N HIS A 198 5.23 12.20 26.39
CA HIS A 198 5.18 13.65 26.57
C HIS A 198 6.17 14.11 27.66
N TRP A 199 7.36 13.51 27.66
CA TRP A 199 8.39 13.91 28.60
C TRP A 199 9.14 15.12 28.04
N ASN A 200 9.85 15.83 28.92
CA ASN A 200 10.79 16.87 28.50
C ASN A 200 11.86 16.39 27.52
N LEU A 201 12.29 17.30 26.64
CA LEU A 201 13.42 17.04 25.75
C LEU A 201 14.61 16.61 26.60
N GLY A 202 15.38 15.64 26.13
CA GLY A 202 16.56 15.15 26.85
C GLY A 202 16.28 13.92 27.72
N ARG A 203 15.01 13.61 27.93
CA ARG A 203 14.62 12.54 28.88
C ARG A 203 14.45 11.16 28.24
N GLY A 204 14.46 11.10 26.91
CA GLY A 204 14.12 9.86 26.22
C GLY A 204 15.10 9.52 25.15
N VAL A 205 14.58 8.91 24.09
CA VAL A 205 15.39 8.24 23.07
C VAL A 205 15.42 8.97 21.71
N LEU A 206 14.67 10.06 21.57
CA LEU A 206 14.54 10.71 20.25
C LEU A 206 15.79 11.44 19.73
N GLY A 207 16.76 11.72 20.60
CA GLY A 207 18.05 12.31 20.13
C GLY A 207 17.92 13.63 19.39
N HIS A 208 17.11 14.54 19.92
CA HIS A 208 16.81 15.79 19.21
C HIS A 208 18.05 16.58 18.82
N GLY A 209 19.10 16.47 19.61
CA GLY A 209 20.37 17.15 19.28
C GLY A 209 20.88 16.80 17.89
N ALA A 210 20.64 15.56 17.46
CA ALA A 210 21.09 15.10 16.15
C ALA A 210 20.31 15.66 14.95
N TRP A 211 19.07 16.14 15.15
CA TRP A 211 18.24 16.52 13.99
C TRP A 211 17.47 17.82 14.09
N LEU A 212 17.32 18.37 15.30
CA LEU A 212 16.38 19.48 15.49
C LEU A 212 16.93 20.87 15.18
N ARG A 213 18.24 21.03 15.28
CA ARG A 213 18.84 22.36 15.15
C ARG A 213 18.40 23.15 13.89
N PRO A 214 18.33 22.48 12.71
CA PRO A 214 17.89 23.24 11.53
C PRO A 214 16.50 23.86 11.63
N TYR A 215 15.68 23.39 12.57
CA TYR A 215 14.26 23.79 12.67
C TYR A 215 13.95 24.81 13.75
N LEU A 216 14.99 25.30 14.40
CA LEU A 216 14.81 26.22 15.53
C LEU A 216 14.20 27.58 15.18
N ASP A 217 14.10 27.88 13.88
CA ASP A 217 13.47 29.13 13.43
C ASP A 217 11.96 28.94 13.13
N ARG A 218 11.47 27.71 13.31
CA ARG A 218 10.06 27.35 13.14
C ARG A 218 9.32 27.42 14.48
N THR A 219 8.00 27.46 14.42
CA THR A 219 7.20 27.44 15.63
C THR A 219 7.36 26.06 16.26
N MET A 220 7.66 26.05 17.57
CA MET A 220 7.86 24.84 18.32
C MET A 220 6.92 24.82 19.52
N VAL A 221 6.19 23.71 19.68
CA VAL A 221 5.22 23.57 20.73
C VAL A 221 5.73 22.50 21.68
N LEU A 222 5.87 22.85 22.95
CA LEU A 222 6.28 21.89 23.95
C LEU A 222 5.02 21.13 24.40
N GLU A 223 4.92 19.89 23.93
CA GLU A 223 3.81 19.03 24.25
C GLU A 223 4.27 18.13 25.40
N VAL A 224 4.41 18.76 26.56
CA VAL A 224 5.08 18.17 27.70
C VAL A 224 4.15 18.20 28.89
N ARG A 225 4.04 17.08 29.58
CA ARG A 225 3.07 16.98 30.66
C ARG A 225 3.62 17.36 32.02
N GLU A 226 4.95 17.48 32.10
CA GLU A 226 5.62 17.91 33.33
C GLU A 226 6.02 19.38 33.16
N ASP A 227 6.64 19.99 34.18
CA ASP A 227 7.15 21.34 34.01
C ASP A 227 8.05 21.45 32.79
N PRO A 228 7.76 22.41 31.89
CA PRO A 228 8.50 22.48 30.64
C PRO A 228 9.85 23.19 30.68
N GLU A 229 10.27 23.71 31.84
CA GLU A 229 11.53 24.44 31.85
C GLU A 229 12.71 23.66 31.26
N ALA A 230 12.86 22.39 31.63
CA ALA A 230 13.98 21.60 31.12
C ALA A 230 14.02 21.55 29.58
N SER A 231 12.86 21.55 28.94
CA SER A 231 12.83 21.55 27.46
C SER A 231 13.26 22.90 26.89
N LEU A 232 12.80 23.98 27.50
CA LEU A 232 13.23 25.32 27.07
C LEU A 232 14.76 25.47 27.17
N ALA A 233 15.33 24.97 28.27
CA ALA A 233 16.76 24.96 28.51
C ALA A 233 17.51 24.09 27.49
N PHE A 234 16.91 22.95 27.13
CA PHE A 234 17.44 22.10 26.05
C PHE A 234 17.50 22.91 24.73
N LEU A 235 16.41 23.61 24.42
CA LEU A 235 16.32 24.35 23.14
C LEU A 235 17.37 25.48 23.08
N GLN A 236 17.51 26.16 24.21
CA GLN A 236 18.45 27.27 24.32
C GLN A 236 19.91 26.83 24.16
N ALA A 237 20.29 25.69 24.76
CA ALA A 237 21.63 25.12 24.58
C ALA A 237 21.84 24.68 23.14
N LEU A 238 20.79 24.13 22.54
CA LEU A 238 20.87 23.69 21.17
C LEU A 238 21.08 24.89 20.26
N ALA A 239 20.42 26.00 20.58
CA ALA A 239 20.45 27.22 19.78
C ALA A 239 21.77 27.98 19.88
N GLY A 240 22.53 27.72 20.96
CA GLY A 240 23.75 28.49 21.27
C GLY A 240 25.00 27.93 20.63
N GLU A 241 24.89 26.70 20.13
CA GLU A 241 26.00 26.01 19.46
C GLU A 241 25.73 25.81 17.96
N MET B 1 31.07 -22.01 2.12
CA MET B 1 29.88 -21.34 1.54
C MET B 1 29.69 -21.71 0.07
N ASP B 2 28.44 -21.80 -0.33
CA ASP B 2 28.09 -22.12 -1.72
C ASP B 2 27.83 -20.77 -2.39
N VAL B 3 28.87 -20.21 -2.98
CA VAL B 3 28.79 -18.91 -3.63
C VAL B 3 28.99 -19.13 -5.13
N ARG B 4 28.12 -18.52 -5.92
CA ARG B 4 28.13 -18.74 -7.37
C ARG B 4 28.20 -17.42 -8.09
N LEU B 5 28.73 -17.42 -9.32
CA LEU B 5 28.74 -16.20 -10.11
C LEU B 5 27.65 -16.30 -11.15
N ALA B 6 26.84 -15.25 -11.26
CA ALA B 6 25.81 -15.14 -12.31
C ALA B 6 26.49 -14.66 -13.60
N PHE B 7 26.19 -15.32 -14.73
CA PHE B 7 26.63 -14.82 -16.03
C PHE B 7 25.70 -15.36 -17.09
N PRO B 8 25.55 -14.64 -18.21
CA PRO B 8 24.78 -15.20 -19.32
C PRO B 8 25.58 -16.26 -20.07
N LEU B 9 24.88 -17.26 -20.60
CA LEU B 9 25.52 -18.23 -21.49
C LEU B 9 26.38 -17.54 -22.57
N SER B 10 25.87 -16.43 -23.12
CA SER B 10 26.55 -15.67 -24.17
C SER B 10 27.91 -15.09 -23.76
N ARG B 11 28.22 -15.12 -22.46
CA ARG B 11 29.52 -14.62 -21.96
C ARG B 11 30.28 -15.69 -21.16
N ALA B 12 29.93 -16.96 -21.39
CA ALA B 12 30.58 -18.07 -20.70
C ALA B 12 32.11 -18.06 -20.90
N GLU B 13 32.54 -17.79 -22.13
CA GLU B 13 33.98 -17.71 -22.47
C GLU B 13 34.73 -16.77 -21.52
N GLU B 14 34.14 -15.60 -21.32
CA GLU B 14 34.69 -14.54 -20.49
C GLU B 14 34.58 -14.83 -19.00
N ALA B 15 33.50 -15.50 -18.59
CA ALA B 15 33.23 -15.75 -17.17
C ALA B 15 33.89 -17.00 -16.55
N LEU B 16 33.99 -18.10 -17.30
CA LEU B 16 34.51 -19.38 -16.76
C LEU B 16 35.91 -19.34 -16.10
N PRO B 17 36.88 -18.59 -16.67
CA PRO B 17 38.20 -18.44 -16.02
C PRO B 17 38.11 -17.77 -14.64
N ARG B 18 37.43 -16.63 -14.55
CA ARG B 18 37.27 -15.88 -13.30
C ARG B 18 36.65 -16.70 -12.18
N LEU B 19 35.55 -17.40 -12.47
CA LEU B 19 34.89 -18.19 -11.43
C LEU B 19 35.69 -19.44 -11.07
N GLN B 20 36.57 -19.89 -11.97
CA GLN B 20 37.47 -20.98 -11.63
C GLN B 20 38.61 -20.45 -10.75
N ALA B 21 39.18 -19.32 -11.14
CA ALA B 21 40.23 -18.67 -10.35
C ALA B 21 39.75 -18.31 -8.94
N LEU B 22 38.48 -17.93 -8.80
CA LEU B 22 37.94 -17.53 -7.51
C LEU B 22 37.29 -18.66 -6.75
N GLY B 23 37.25 -19.84 -7.34
CA GLY B 23 36.61 -20.99 -6.70
C GLY B 23 35.11 -20.86 -6.54
N LEU B 24 34.43 -20.33 -7.56
CA LEU B 24 32.99 -20.07 -7.44
C LEU B 24 32.16 -21.11 -8.19
N GLY B 25 30.89 -21.24 -7.81
CA GLY B 25 29.94 -22.00 -8.62
C GLY B 25 29.38 -21.10 -9.70
N ALA B 26 28.41 -21.60 -10.45
CA ALA B 26 27.87 -20.91 -11.63
C ALA B 26 26.35 -20.84 -11.54
N GLU B 27 25.78 -19.68 -11.87
CA GLU B 27 24.35 -19.59 -12.19
C GLU B 27 24.24 -18.98 -13.59
N VAL B 28 23.93 -19.83 -14.55
CA VAL B 28 23.99 -19.42 -15.95
C VAL B 28 22.62 -18.98 -16.40
N TYR B 29 22.56 -17.76 -16.92
CA TYR B 29 21.33 -17.27 -17.50
C TYR B 29 21.24 -17.79 -18.92
N LEU B 30 20.11 -18.39 -19.26
CA LEU B 30 19.98 -18.98 -20.58
C LEU B 30 19.42 -17.97 -21.57
N ASP B 31 20.31 -17.22 -22.24
CA ASP B 31 19.91 -16.26 -23.28
C ASP B 31 18.91 -16.91 -24.22
N PRO B 32 17.73 -16.27 -24.43
CA PRO B 32 16.72 -16.91 -25.30
C PRO B 32 17.21 -17.17 -26.74
N ALA B 33 18.00 -16.24 -27.25
CA ALA B 33 18.62 -16.35 -28.58
C ALA B 33 19.50 -17.59 -28.72
N LEU B 34 19.97 -18.15 -27.60
CA LEU B 34 20.90 -19.28 -27.61
C LEU B 34 20.31 -20.61 -27.14
N LEU B 35 19.01 -20.63 -26.87
CA LEU B 35 18.37 -21.85 -26.36
C LEU B 35 18.57 -23.09 -27.25
N GLU B 36 18.53 -22.87 -28.57
CA GLU B 36 18.63 -23.96 -29.55
C GLU B 36 20.08 -24.41 -29.81
N GLU B 37 21.04 -23.62 -29.32
CA GLU B 37 22.47 -23.85 -29.63
C GLU B 37 23.11 -24.99 -28.84
N ASP B 38 22.83 -26.22 -29.27
CA ASP B 38 23.35 -27.41 -28.59
C ASP B 38 24.85 -27.35 -28.25
N ALA B 39 25.63 -26.81 -29.19
CA ALA B 39 27.11 -26.80 -29.08
C ALA B 39 27.60 -26.01 -27.85
N LEU B 40 26.86 -24.94 -27.51
CA LEU B 40 27.20 -24.14 -26.31
C LEU B 40 26.95 -24.86 -24.98
N PHE B 41 25.90 -25.69 -24.93
CA PHE B 41 25.60 -26.48 -23.75
C PHE B 41 26.61 -27.62 -23.63
N GLN B 42 27.00 -28.19 -24.77
CA GLN B 42 28.04 -29.22 -24.80
C GLN B 42 29.37 -28.64 -24.24
N SER B 43 29.73 -27.45 -24.69
CA SER B 43 30.96 -26.78 -24.24
C SER B 43 30.93 -26.53 -22.74
N LEU B 44 29.86 -25.86 -22.27
CA LEU B 44 29.71 -25.58 -20.83
C LEU B 44 29.82 -26.84 -19.96
N ARG B 45 29.13 -27.90 -20.36
CA ARG B 45 29.16 -29.16 -19.62
C ARG B 45 30.59 -29.76 -19.55
N ARG B 46 31.34 -29.66 -20.65
CA ARG B 46 32.75 -30.13 -20.71
C ARG B 46 33.66 -29.31 -19.79
N ARG B 47 33.48 -27.98 -19.82
CA ARG B 47 34.48 -27.08 -19.29
C ARG B 47 34.30 -26.72 -17.80
N PHE B 48 33.17 -27.10 -17.21
CA PHE B 48 32.87 -26.71 -15.84
C PHE B 48 32.30 -27.88 -15.07
N SER B 49 32.77 -28.11 -13.84
CA SER B 49 32.23 -29.22 -13.04
C SER B 49 31.79 -28.91 -11.60
N GLY B 50 31.79 -27.62 -11.23
CA GLY B 50 31.29 -27.20 -9.91
C GLY B 50 29.77 -27.28 -9.72
N LYS B 51 29.26 -26.56 -8.73
CA LYS B 51 27.82 -26.50 -8.55
C LYS B 51 27.23 -25.55 -9.58
N LEU B 52 26.12 -25.95 -10.16
CA LEU B 52 25.54 -25.13 -11.22
C LEU B 52 24.03 -24.98 -11.09
N SER B 53 23.57 -23.75 -11.20
CA SER B 53 22.14 -23.49 -11.37
C SER B 53 21.92 -22.67 -12.65
N VAL B 54 20.67 -22.46 -13.04
CA VAL B 54 20.35 -21.62 -14.20
C VAL B 54 19.34 -20.56 -13.82
N HIS B 55 19.41 -19.45 -14.55
CA HIS B 55 18.34 -18.46 -14.55
C HIS B 55 17.58 -18.65 -15.86
N LEU B 56 16.31 -18.97 -15.76
CA LEU B 56 15.46 -19.17 -16.92
C LEU B 56 15.20 -17.84 -17.62
N PRO B 57 14.77 -17.89 -18.90
CA PRO B 57 14.44 -16.67 -19.60
C PRO B 57 13.37 -15.85 -18.86
N PHE B 58 13.43 -14.53 -18.98
CA PHE B 58 12.45 -13.66 -18.33
C PHE B 58 12.07 -12.38 -19.08
N TRP B 59 12.96 -11.84 -19.91
CA TRP B 59 12.67 -10.58 -20.56
C TRP B 59 11.41 -10.65 -21.40
N ASN B 60 10.47 -9.75 -21.09
CA ASN B 60 9.21 -9.62 -21.85
C ASN B 60 8.33 -10.87 -21.78
N LEU B 61 8.55 -11.69 -20.76
CA LEU B 61 7.70 -12.88 -20.59
C LEU B 61 6.70 -12.72 -19.44
N ASP B 62 5.53 -13.31 -19.62
CA ASP B 62 4.50 -13.39 -18.60
C ASP B 62 3.53 -14.48 -18.99
N LEU B 63 3.42 -15.53 -18.15
CA LEU B 63 2.38 -16.57 -18.33
C LEU B 63 0.97 -16.02 -18.29
N LEU B 64 0.80 -14.86 -17.65
CA LEU B 64 -0.51 -14.23 -17.54
C LEU B 64 -0.69 -13.01 -18.44
N SER B 65 0.18 -12.88 -19.45
CA SER B 65 0.11 -11.74 -20.38
C SER B 65 -1.27 -11.70 -21.04
N PRO B 66 -1.82 -10.50 -21.25
CA PRO B 66 -3.07 -10.43 -22.05
C PRO B 66 -2.84 -10.82 -23.50
N ASP B 67 -1.58 -10.85 -23.92
CA ASP B 67 -1.22 -11.26 -25.28
C ASP B 67 -1.07 -12.78 -25.35
N PRO B 68 -1.96 -13.46 -26.10
CA PRO B 68 -1.90 -14.93 -26.19
C PRO B 68 -0.55 -15.45 -26.71
N GLU B 69 0.03 -14.73 -27.67
CA GLU B 69 1.31 -15.18 -28.23
C GLU B 69 2.44 -15.05 -27.20
N VAL B 70 2.38 -14.01 -26.37
CA VAL B 70 3.34 -13.90 -25.25
C VAL B 70 3.16 -15.04 -24.23
N ARG B 71 1.92 -15.39 -23.90
CA ARG B 71 1.72 -16.54 -22.98
C ARG B 71 2.33 -17.81 -23.55
N GLY B 72 2.04 -18.09 -24.82
CA GLY B 72 2.53 -19.30 -25.45
C GLY B 72 4.05 -19.30 -25.46
N LEU B 73 4.63 -18.17 -25.85
CA LEU B 73 6.10 -18.02 -25.91
C LEU B 73 6.72 -18.23 -24.54
N THR B 74 6.08 -17.64 -23.52
CA THR B 74 6.60 -17.76 -22.17
C THR B 74 6.68 -19.21 -21.72
N LEU B 75 5.61 -19.96 -21.94
CA LEU B 75 5.59 -21.36 -21.55
C LEU B 75 6.70 -22.14 -22.25
N ARG B 76 6.86 -21.89 -23.56
CA ARG B 76 7.88 -22.58 -24.35
C ARG B 76 9.27 -22.29 -23.80
N ARG B 77 9.55 -21.03 -23.50
CA ARG B 77 10.86 -20.60 -22.95
C ARG B 77 11.15 -21.24 -21.58
N LEU B 78 10.15 -21.26 -20.70
CA LEU B 78 10.34 -21.89 -19.40
C LEU B 78 10.59 -23.40 -19.53
N LEU B 79 9.82 -24.05 -20.39
CA LEU B 79 9.93 -25.50 -20.53
C LEU B 79 11.25 -25.90 -21.23
N PHE B 80 11.60 -25.17 -22.27
CA PHE B 80 12.87 -25.46 -22.98
C PHE B 80 14.06 -25.15 -22.06
N GLY B 81 13.93 -24.06 -21.31
CA GLY B 81 15.00 -23.68 -20.36
C GLY B 81 15.19 -24.76 -19.30
N LEU B 82 14.10 -25.34 -18.83
CA LEU B 82 14.19 -26.46 -17.88
C LEU B 82 14.91 -27.66 -18.49
N ASP B 83 14.61 -27.98 -19.74
CA ASP B 83 15.27 -29.13 -20.43
C ASP B 83 16.78 -28.91 -20.45
N ARG B 84 17.16 -27.68 -20.80
CA ARG B 84 18.57 -27.29 -20.81
C ARG B 84 19.19 -27.36 -19.41
N ALA B 85 18.46 -26.91 -18.38
CA ALA B 85 18.96 -27.01 -17.01
C ALA B 85 19.26 -28.47 -16.62
N ALA B 86 18.34 -29.38 -16.94
CA ALA B 86 18.57 -30.79 -16.67
C ALA B 86 19.78 -31.36 -17.45
N GLU B 87 19.88 -30.99 -18.72
CA GLU B 87 21.07 -31.32 -19.53
C GLU B 87 22.38 -30.90 -18.86
N LEU B 88 22.40 -29.68 -18.31
CA LEU B 88 23.57 -29.16 -17.61
C LEU B 88 23.78 -29.74 -16.21
N GLY B 89 22.85 -30.54 -15.76
CA GLY B 89 22.85 -31.08 -14.40
C GLY B 89 22.69 -30.00 -13.34
N ALA B 90 21.89 -28.99 -13.65
CA ALA B 90 21.64 -27.87 -12.73
C ALA B 90 20.83 -28.36 -11.51
N ASP B 91 21.18 -27.90 -10.31
CA ASP B 91 20.40 -28.27 -9.13
C ASP B 91 19.12 -27.47 -9.09
N ARG B 92 19.21 -26.22 -9.54
CA ARG B 92 18.14 -25.24 -9.39
C ARG B 92 17.92 -24.39 -10.64
N ALA B 93 16.68 -23.94 -10.84
CA ALA B 93 16.36 -23.03 -11.95
C ALA B 93 15.48 -21.86 -11.46
N VAL B 94 15.92 -20.63 -11.72
CA VAL B 94 15.26 -19.44 -11.18
C VAL B 94 14.48 -18.76 -12.28
N PHE B 95 13.28 -18.26 -11.94
CA PHE B 95 12.42 -17.55 -12.91
C PHE B 95 11.66 -16.43 -12.20
N HIS B 96 11.09 -15.52 -12.99
CA HIS B 96 10.34 -14.38 -12.48
C HIS B 96 8.86 -14.62 -12.65
N SER B 97 8.04 -13.90 -11.86
CA SER B 97 6.60 -14.10 -11.93
C SER B 97 5.95 -13.54 -13.21
N GLY B 98 6.60 -12.58 -13.84
CA GLY B 98 6.07 -11.90 -15.04
C GLY B 98 5.21 -10.68 -14.71
N ILE B 99 5.07 -10.36 -13.42
CA ILE B 99 4.24 -9.22 -13.02
C ILE B 99 4.80 -7.91 -13.57
N PRO B 100 3.93 -7.07 -14.18
CA PRO B 100 4.33 -5.74 -14.66
C PRO B 100 4.80 -4.91 -13.48
N HIS B 101 5.72 -3.98 -13.72
CA HIS B 101 6.08 -3.01 -12.69
C HIS B 101 4.88 -2.14 -12.26
N GLY B 102 4.79 -1.84 -10.97
CA GLY B 102 3.88 -0.79 -10.50
C GLY B 102 2.46 -1.19 -10.09
N ARG B 103 2.23 -2.47 -9.81
CA ARG B 103 0.90 -2.94 -9.33
C ARG B 103 0.77 -2.66 -7.84
N THR B 104 -0.46 -2.43 -7.35
CA THR B 104 -0.68 -2.32 -5.90
C THR B 104 -0.59 -3.73 -5.28
N PRO B 105 -0.40 -3.83 -3.95
CA PRO B 105 -0.42 -5.17 -3.33
C PRO B 105 -1.70 -5.95 -3.63
N GLU B 106 -2.85 -5.27 -3.65
CA GLU B 106 -4.09 -5.97 -3.96
C GLU B 106 -4.10 -6.53 -5.38
N GLU B 107 -3.66 -5.71 -6.33
CA GLU B 107 -3.58 -6.15 -7.73
C GLU B 107 -2.62 -7.34 -7.90
N ALA B 108 -1.50 -7.33 -7.19
CA ALA B 108 -0.51 -8.39 -7.31
C ALA B 108 -1.10 -9.70 -6.78
N LEU B 109 -1.84 -9.59 -5.69
CA LEU B 109 -2.54 -10.73 -5.11
C LEU B 109 -3.55 -11.36 -6.07
N GLU B 110 -4.21 -10.54 -6.88
CA GLU B 110 -5.13 -11.04 -7.90
C GLU B 110 -4.48 -11.97 -8.93
N ARG B 111 -3.16 -11.80 -9.14
CA ARG B 111 -2.44 -12.64 -10.11
C ARG B 111 -1.99 -13.95 -9.48
N ALA B 112 -1.99 -14.04 -8.16
CA ALA B 112 -1.29 -15.17 -7.47
C ALA B 112 -1.85 -16.53 -7.86
N LEU B 113 -3.15 -16.74 -7.64
CA LEU B 113 -3.73 -18.05 -7.96
C LEU B 113 -3.78 -18.35 -9.48
N PRO B 114 -4.12 -17.33 -10.30
CA PRO B 114 -3.97 -17.59 -11.72
C PRO B 114 -2.54 -18.02 -12.09
N LEU B 115 -1.54 -17.42 -11.44
CA LEU B 115 -0.16 -17.77 -11.81
C LEU B 115 0.17 -19.18 -11.33
N ALA B 116 -0.30 -19.49 -10.13
CA ALA B 116 -0.16 -20.84 -9.55
C ALA B 116 -0.74 -21.89 -10.49
N GLU B 117 -1.94 -21.63 -11.03
CA GLU B 117 -2.53 -22.53 -12.04
C GLU B 117 -1.69 -22.62 -13.33
N ALA B 118 -1.22 -21.48 -13.84
CA ALA B 118 -0.52 -21.47 -15.12
C ALA B 118 0.88 -22.12 -14.99
N LEU B 119 1.39 -22.18 -13.77
CA LEU B 119 2.68 -22.82 -13.49
C LEU B 119 2.62 -24.34 -13.38
N GLY B 120 1.42 -24.90 -13.44
CA GLY B 120 1.23 -26.36 -13.26
C GLY B 120 2.19 -27.18 -14.08
N LEU B 121 2.23 -26.93 -15.40
CA LEU B 121 3.08 -27.67 -16.32
C LEU B 121 4.56 -27.48 -16.09
N VAL B 122 4.91 -26.26 -15.66
CA VAL B 122 6.31 -25.89 -15.42
C VAL B 122 6.82 -26.62 -14.17
N VAL B 123 6.05 -26.56 -13.09
CA VAL B 123 6.39 -27.25 -11.83
C VAL B 123 6.53 -28.75 -12.09
N ARG B 124 5.59 -29.30 -12.86
CA ARG B 124 5.62 -30.71 -13.24
C ARG B 124 6.87 -31.11 -14.03
N ARG B 125 7.25 -30.29 -15.02
CA ARG B 125 8.43 -30.55 -15.82
C ARG B 125 9.69 -30.51 -14.94
N ALA B 126 9.77 -29.54 -14.03
CA ALA B 126 10.91 -29.42 -13.13
C ALA B 126 11.00 -30.66 -12.21
N ARG B 127 9.85 -31.09 -11.69
CA ARG B 127 9.80 -32.28 -10.83
C ARG B 127 10.26 -33.53 -11.61
N THR B 128 9.72 -33.71 -12.82
CA THR B 128 10.08 -34.83 -13.71
C THR B 128 11.59 -34.90 -13.99
N LEU B 129 12.20 -33.72 -14.19
CA LEU B 129 13.61 -33.64 -14.51
C LEU B 129 14.54 -33.57 -13.29
N GLY B 130 13.97 -33.42 -12.08
CA GLY B 130 14.75 -33.35 -10.84
C GLY B 130 15.47 -32.02 -10.64
N VAL B 131 14.90 -30.95 -11.20
CA VAL B 131 15.47 -29.61 -11.05
C VAL B 131 14.58 -28.88 -10.04
N ARG B 132 15.20 -28.24 -9.06
CA ARG B 132 14.42 -27.46 -8.06
C ARG B 132 14.03 -26.10 -8.66
N LEU B 133 12.72 -25.83 -8.74
CA LEU B 133 12.24 -24.59 -9.33
C LEU B 133 12.11 -23.52 -8.27
N LEU B 134 12.57 -22.31 -8.59
CA LEU B 134 12.65 -21.21 -7.64
C LEU B 134 12.06 -19.94 -8.23
N LEU B 135 11.06 -19.37 -7.57
CA LEU B 135 10.47 -18.10 -7.97
C LEU B 135 11.23 -16.95 -7.29
N GLU B 136 11.78 -16.03 -8.06
CA GLU B 136 12.51 -14.88 -7.52
C GLU B 136 11.63 -13.63 -7.50
N ASN B 137 11.78 -12.78 -6.49
CA ASN B 137 11.02 -11.53 -6.50
C ASN B 137 11.61 -10.56 -7.51
N SER B 138 10.75 -9.94 -8.27
CA SER B 138 11.15 -8.92 -9.24
C SER B 138 10.35 -7.65 -8.94
N HIS B 139 9.16 -7.50 -9.52
CA HIS B 139 8.37 -6.26 -9.35
C HIS B 139 7.19 -6.40 -8.40
N GLU B 140 7.07 -7.53 -7.71
CA GLU B 140 6.00 -7.64 -6.69
C GLU B 140 6.15 -6.54 -5.64
N PRO B 141 5.03 -5.87 -5.29
CA PRO B 141 5.15 -4.75 -4.34
C PRO B 141 5.41 -5.20 -2.90
N HIS B 142 4.98 -6.40 -2.56
CA HIS B 142 5.06 -6.93 -1.19
C HIS B 142 5.16 -8.46 -1.23
N PRO B 143 5.84 -9.09 -0.23
CA PRO B 143 6.03 -10.54 -0.27
C PRO B 143 4.74 -11.36 -0.25
N GLU B 144 3.65 -10.77 0.26
CA GLU B 144 2.41 -11.54 0.35
C GLU B 144 1.92 -11.98 -1.04
N ALA B 145 2.28 -11.25 -2.09
CA ALA B 145 1.89 -11.61 -3.46
C ALA B 145 2.48 -12.95 -3.90
N LEU B 146 3.62 -13.33 -3.32
CA LEU B 146 4.28 -14.58 -3.68
C LEU B 146 3.72 -15.79 -2.95
N ARG B 147 3.22 -15.55 -1.74
CA ARG B 147 2.92 -16.67 -0.82
C ARG B 147 1.83 -17.61 -1.30
N PRO B 148 0.75 -17.09 -1.91
CA PRO B 148 -0.21 -18.06 -2.39
C PRO B 148 0.32 -18.92 -3.53
N VAL B 149 1.27 -18.38 -4.33
CA VAL B 149 1.90 -19.18 -5.39
C VAL B 149 2.76 -20.28 -4.76
N LEU B 150 3.53 -19.90 -3.75
CA LEU B 150 4.38 -20.85 -3.05
C LEU B 150 3.52 -21.90 -2.34
N GLU B 151 2.45 -21.45 -1.69
CA GLU B 151 1.58 -22.38 -0.93
C GLU B 151 0.85 -23.34 -1.84
N ALA B 152 0.39 -22.87 -3.02
CA ALA B 152 -0.26 -23.73 -4.01
C ALA B 152 0.61 -24.88 -4.52
N HIS B 153 1.92 -24.65 -4.52
CA HIS B 153 2.89 -25.65 -4.94
C HIS B 153 3.78 -26.08 -3.77
N ALA B 154 3.15 -26.18 -2.59
CA ALA B 154 3.83 -26.58 -1.35
C ALA B 154 4.85 -27.69 -1.60
N GLY B 155 6.08 -27.46 -1.18
CA GLY B 155 7.15 -28.46 -1.31
C GLY B 155 7.78 -28.61 -2.69
N GLU B 156 7.20 -27.95 -3.70
CA GLU B 156 7.65 -28.13 -5.08
C GLU B 156 8.11 -26.84 -5.73
N LEU B 157 8.10 -25.75 -4.96
CA LEU B 157 8.47 -24.42 -5.44
C LEU B 157 9.18 -23.64 -4.34
N GLY B 158 10.41 -23.24 -4.59
CA GLY B 158 11.19 -22.42 -3.65
C GLY B 158 11.15 -20.93 -3.96
N PHE B 159 11.73 -20.14 -3.05
CA PHE B 159 11.81 -18.70 -3.16
C PHE B 159 13.28 -18.27 -3.29
N CYS B 160 13.58 -17.43 -4.27
CA CYS B 160 14.89 -16.78 -4.38
C CYS B 160 14.74 -15.30 -4.07
N PHE B 161 15.38 -14.83 -3.00
CA PHE B 161 15.29 -13.42 -2.63
C PHE B 161 16.36 -12.53 -3.25
N ASP B 162 15.90 -11.50 -3.98
CA ASP B 162 16.76 -10.41 -4.48
C ASP B 162 16.46 -9.14 -3.71
N ALA B 163 17.36 -8.79 -2.78
CA ALA B 163 17.15 -7.59 -1.96
C ALA B 163 17.10 -6.28 -2.75
N ALA B 164 17.94 -6.14 -3.77
CA ALA B 164 17.92 -4.94 -4.59
C ALA B 164 16.59 -4.75 -5.33
N HIS B 165 16.02 -5.83 -5.87
CA HIS B 165 14.68 -5.76 -6.50
C HIS B 165 13.65 -5.27 -5.50
N ALA B 166 13.67 -5.79 -4.29
CA ALA B 166 12.76 -5.25 -3.25
C ALA B 166 13.02 -3.75 -3.01
N ARG B 167 14.28 -3.36 -2.90
CA ARG B 167 14.59 -1.98 -2.56
C ARG B 167 14.18 -1.01 -3.68
N VAL B 168 14.42 -1.41 -4.93
CA VAL B 168 14.27 -0.50 -6.05
C VAL B 168 12.92 -0.60 -6.76
N PHE B 169 12.31 -1.79 -6.73
CA PHE B 169 11.10 -2.02 -7.54
C PHE B 169 9.83 -2.25 -6.74
N SER B 170 9.96 -2.54 -5.45
CA SER B 170 8.78 -2.90 -4.64
C SER B 170 8.33 -1.74 -3.75
N ARG B 171 7.26 -1.97 -3.00
CA ARG B 171 6.73 -1.02 -2.00
C ARG B 171 7.27 -1.37 -0.61
N THR B 172 8.11 -2.41 -0.56
CA THR B 172 8.56 -2.98 0.71
C THR B 172 10.09 -3.06 0.69
N PRO B 173 10.78 -1.91 0.88
CA PRO B 173 12.22 -1.90 0.67
C PRO B 173 13.03 -2.67 1.71
N ASP B 174 12.48 -2.87 2.91
CA ASP B 174 13.24 -3.56 3.97
C ASP B 174 13.31 -5.06 3.67
N PRO B 175 14.48 -5.68 3.93
CA PRO B 175 14.60 -7.11 3.59
C PRO B 175 13.79 -8.02 4.51
N GLY B 176 13.55 -7.61 5.77
CA GLY B 176 12.86 -8.47 6.76
C GLY B 176 11.59 -9.20 6.32
N PRO B 177 10.63 -8.47 5.75
CA PRO B 177 9.40 -9.16 5.34
C PRO B 177 9.60 -10.24 4.26
N TRP B 178 10.57 -10.02 3.37
CA TRP B 178 10.85 -11.02 2.35
C TRP B 178 11.60 -12.19 2.97
N LEU B 179 12.52 -11.88 3.89
CA LEU B 179 13.31 -12.94 4.53
C LEU B 179 12.40 -13.91 5.30
N ALA B 180 11.23 -13.41 5.72
CA ALA B 180 10.24 -14.24 6.44
C ALA B 180 9.69 -15.38 5.59
N LEU B 181 9.79 -15.24 4.26
CA LEU B 181 9.40 -16.29 3.33
C LEU B 181 10.41 -17.45 3.28
N ALA B 182 11.53 -17.29 4.00
CA ALA B 182 12.58 -18.30 4.15
C ALA B 182 13.21 -18.68 2.80
N PRO B 183 13.78 -17.68 2.10
CA PRO B 183 14.42 -18.00 0.81
C PRO B 183 15.53 -19.02 0.98
N GLU B 184 15.56 -20.02 0.10
CA GLU B 184 16.61 -21.03 0.11
C GLU B 184 17.77 -20.65 -0.82
N HIS B 185 17.57 -19.57 -1.57
CA HIS B 185 18.52 -19.10 -2.60
C HIS B 185 18.52 -17.59 -2.49
N LEU B 186 19.70 -16.97 -2.48
CA LEU B 186 19.78 -15.51 -2.42
C LEU B 186 20.53 -14.92 -3.62
N HIS B 187 19.95 -13.89 -4.25
CA HIS B 187 20.65 -13.12 -5.30
C HIS B 187 21.28 -11.90 -4.67
N LEU B 188 22.62 -11.86 -4.69
CA LEU B 188 23.33 -10.81 -3.95
C LEU B 188 23.99 -9.78 -4.85
N ASN B 189 23.81 -8.51 -4.49
CA ASN B 189 24.51 -7.38 -5.11
C ASN B 189 24.12 -6.14 -4.32
N ASP B 190 24.63 -4.97 -4.70
CA ASP B 190 24.23 -3.73 -4.02
C ASP B 190 23.73 -2.68 -5.01
N THR B 191 23.02 -1.69 -4.46
CA THR B 191 22.35 -0.67 -5.25
C THR B 191 22.47 0.68 -4.54
N ASP B 192 22.40 1.77 -5.31
CA ASP B 192 22.33 3.11 -4.73
C ASP B 192 20.92 3.42 -4.16
N GLY B 193 20.01 2.46 -4.26
CA GLY B 193 18.62 2.63 -3.83
C GLY B 193 17.73 3.27 -4.89
N VAL B 194 18.28 3.58 -6.07
CA VAL B 194 17.49 4.20 -7.13
C VAL B 194 17.39 3.21 -8.30
N TYR B 195 18.53 2.69 -8.75
CA TYR B 195 18.59 1.72 -9.86
C TYR B 195 19.08 0.34 -9.45
N ASP B 196 18.63 -0.67 -10.18
CA ASP B 196 19.15 -2.02 -9.97
C ASP B 196 20.57 -2.12 -10.54
N ARG B 197 21.52 -1.69 -9.71
CA ARG B 197 22.91 -1.47 -10.12
C ARG B 197 23.75 -2.70 -10.40
N HIS B 198 23.47 -3.80 -9.69
CA HIS B 198 24.30 -5.01 -9.77
C HIS B 198 25.76 -4.66 -9.40
N TRP B 199 25.90 -3.78 -8.40
CA TRP B 199 27.21 -3.49 -7.85
C TRP B 199 27.67 -4.56 -6.87
N ASN B 200 28.99 -4.61 -6.63
CA ASN B 200 29.51 -5.45 -5.57
C ASN B 200 28.94 -5.10 -4.22
N LEU B 201 28.86 -6.10 -3.36
CA LEU B 201 28.51 -5.92 -1.96
C LEU B 201 29.47 -4.89 -1.35
N GLY B 202 28.92 -4.03 -0.49
CA GLY B 202 29.65 -2.96 0.16
C GLY B 202 29.72 -1.66 -0.61
N ARG B 203 29.15 -1.61 -1.81
CA ARG B 203 29.24 -0.41 -2.65
C ARG B 203 28.01 0.51 -2.57
N GLY B 204 26.91 -0.02 -2.04
CA GLY B 204 25.65 0.70 -2.08
C GLY B 204 25.04 0.87 -0.70
N VAL B 205 23.71 0.83 -0.63
CA VAL B 205 22.98 1.17 0.59
C VAL B 205 22.28 0.00 1.29
N LEU B 206 22.44 -1.22 0.80
CA LEU B 206 21.62 -2.32 1.30
C LEU B 206 22.01 -2.84 2.69
N GLY B 207 23.22 -2.48 3.13
CA GLY B 207 23.68 -2.82 4.49
C GLY B 207 23.56 -4.30 4.82
N HIS B 208 24.13 -5.14 3.96
CA HIS B 208 24.07 -6.60 4.12
C HIS B 208 24.67 -7.04 5.45
N GLY B 209 25.66 -6.30 5.96
CA GLY B 209 26.30 -6.66 7.24
C GLY B 209 25.26 -6.80 8.33
N ALA B 210 24.20 -6.00 8.24
CA ALA B 210 23.15 -5.97 9.26
C ALA B 210 22.16 -7.14 9.24
N TRP B 211 22.05 -7.86 8.12
CA TRP B 211 20.99 -8.88 8.00
C TRP B 211 21.39 -10.21 7.36
N LEU B 212 22.48 -10.22 6.59
CA LEU B 212 22.80 -11.40 5.76
C LEU B 212 23.43 -12.59 6.53
N ARG B 213 24.16 -12.29 7.60
CA ARG B 213 24.92 -13.31 8.36
C ARG B 213 24.19 -14.64 8.61
N PRO B 214 22.93 -14.62 9.11
CA PRO B 214 22.21 -15.88 9.31
C PRO B 214 21.95 -16.74 8.07
N TYR B 215 22.13 -16.18 6.88
CA TYR B 215 21.81 -16.88 5.64
C TYR B 215 23.03 -17.36 4.87
N LEU B 216 24.20 -17.31 5.52
CA LEU B 216 25.47 -17.63 4.83
C LEU B 216 25.61 -19.13 4.54
N ASP B 217 24.68 -19.92 5.05
CA ASP B 217 24.67 -21.36 4.82
C ASP B 217 23.76 -21.75 3.65
N ARG B 218 23.15 -20.77 2.99
CA ARG B 218 22.35 -21.07 1.80
C ARG B 218 23.10 -20.66 0.53
N THR B 219 22.63 -21.14 -0.60
CA THR B 219 23.25 -20.83 -1.88
C THR B 219 23.11 -19.36 -2.15
N MET B 220 24.25 -18.74 -2.44
CA MET B 220 24.26 -17.33 -2.74
C MET B 220 24.83 -17.13 -4.13
N VAL B 221 24.14 -16.28 -4.89
CA VAL B 221 24.53 -16.00 -6.25
C VAL B 221 24.96 -14.56 -6.31
N LEU B 222 26.17 -14.32 -6.81
CA LEU B 222 26.64 -12.96 -7.02
C LEU B 222 26.14 -12.42 -8.35
N GLU B 223 25.15 -11.54 -8.26
CA GLU B 223 24.59 -10.93 -9.45
C GLU B 223 25.24 -9.58 -9.66
N VAL B 224 26.51 -9.60 -10.06
CA VAL B 224 27.33 -8.40 -10.10
C VAL B 224 27.88 -8.22 -11.50
N ARG B 225 27.84 -7.01 -12.02
CA ARG B 225 28.25 -6.84 -13.40
C ARG B 225 29.73 -6.48 -13.55
N GLU B 226 30.35 -6.10 -12.43
CA GLU B 226 31.78 -5.81 -12.33
C GLU B 226 32.52 -7.02 -11.78
N ASP B 227 33.84 -6.91 -11.61
CA ASP B 227 34.60 -8.02 -11.08
C ASP B 227 34.10 -8.43 -9.68
N PRO B 228 33.78 -9.73 -9.50
CA PRO B 228 33.11 -10.21 -8.29
C PRO B 228 33.98 -10.39 -7.05
N GLU B 229 35.30 -10.23 -7.17
CA GLU B 229 36.19 -10.53 -6.05
C GLU B 229 35.85 -9.74 -4.80
N ALA B 230 35.53 -8.46 -4.98
CA ALA B 230 35.14 -7.61 -3.85
C ALA B 230 33.93 -8.16 -3.11
N SER B 231 32.97 -8.75 -3.82
CA SER B 231 31.82 -9.36 -3.13
C SER B 231 32.20 -10.61 -2.34
N LEU B 232 33.06 -11.44 -2.92
CA LEU B 232 33.55 -12.63 -2.22
C LEU B 232 34.31 -12.21 -0.95
N ALA B 233 35.19 -11.21 -1.09
CA ALA B 233 35.91 -10.63 0.06
C ALA B 233 34.93 -10.12 1.13
N PHE B 234 33.86 -9.45 0.70
CA PHE B 234 32.82 -8.99 1.64
C PHE B 234 32.21 -10.16 2.41
N LEU B 235 31.85 -11.22 1.69
CA LEU B 235 31.22 -12.37 2.33
C LEU B 235 32.18 -13.08 3.27
N GLN B 236 33.44 -13.15 2.85
CA GLN B 236 34.50 -13.72 3.69
C GLN B 236 34.72 -12.91 4.97
N ALA B 237 34.75 -11.58 4.87
CA ALA B 237 34.85 -10.68 6.04
C ALA B 237 33.64 -10.78 6.96
N LEU B 238 32.45 -10.89 6.36
CA LEU B 238 31.20 -11.04 7.12
C LEU B 238 31.18 -12.37 7.87
N ALA B 239 31.63 -13.43 7.21
CA ALA B 239 31.87 -14.70 7.90
C ALA B 239 32.94 -14.54 9.00
N GLY B 240 33.92 -13.66 8.77
CA GLY B 240 35.06 -13.47 9.68
C GLY B 240 34.79 -12.64 10.92
N GLU B 241 33.57 -12.10 11.02
CA GLU B 241 33.16 -11.25 12.15
C GLU B 241 32.91 -11.98 13.48
N GLY B 242 32.27 -13.15 13.47
CA GLY B 242 31.82 -13.82 12.27
C GLY B 242 31.01 -15.08 12.46
N ARG B 243 30.20 -15.37 11.44
CA ARG B 243 29.21 -16.44 11.44
C ARG B 243 29.86 -17.83 11.47
N MET C 1 -13.26 21.49 -28.25
CA MET C 1 -12.01 20.73 -27.96
C MET C 1 -12.16 19.32 -28.46
N ASP C 2 -11.05 18.72 -28.87
CA ASP C 2 -11.02 17.32 -29.29
C ASP C 2 -10.69 16.49 -28.03
N VAL C 3 -11.72 15.97 -27.39
CA VAL C 3 -11.55 15.15 -26.20
C VAL C 3 -12.05 13.75 -26.53
N ARG C 4 -11.23 12.75 -26.26
CA ARG C 4 -11.55 11.37 -26.57
C ARG C 4 -11.50 10.50 -25.34
N LEU C 5 -12.29 9.43 -25.36
CA LEU C 5 -12.23 8.43 -24.30
C LEU C 5 -11.38 7.26 -24.71
N ALA C 6 -10.41 6.88 -23.89
CA ALA C 6 -9.70 5.61 -24.07
C ALA C 6 -10.51 4.41 -23.58
N PHE C 7 -10.56 3.38 -24.40
CA PHE C 7 -11.22 2.12 -24.01
C PHE C 7 -10.68 0.98 -24.86
N PRO C 8 -10.69 -0.24 -24.31
CA PRO C 8 -10.27 -1.38 -25.12
C PRO C 8 -11.37 -1.74 -26.11
N LEU C 9 -10.97 -2.22 -27.28
CA LEU C 9 -11.89 -2.85 -28.24
C LEU C 9 -12.81 -3.87 -27.56
N SER C 10 -12.27 -4.66 -26.63
CA SER C 10 -13.08 -5.64 -25.85
C SER C 10 -14.24 -5.03 -25.05
N ARG C 11 -14.24 -3.71 -24.85
CA ARG C 11 -15.31 -3.03 -24.13
C ARG C 11 -16.01 -1.99 -24.99
N ALA C 12 -15.89 -2.11 -26.31
CA ALA C 12 -16.50 -1.13 -27.23
C ALA C 12 -18.02 -1.01 -27.08
N GLU C 13 -18.69 -2.13 -26.79
CA GLU C 13 -20.16 -2.14 -26.68
C GLU C 13 -20.63 -1.21 -25.58
N GLU C 14 -19.96 -1.33 -24.42
CA GLU C 14 -20.19 -0.43 -23.30
C GLU C 14 -19.86 1.01 -23.65
N ALA C 15 -18.75 1.22 -24.36
CA ALA C 15 -18.22 2.55 -24.58
C ALA C 15 -19.02 3.41 -25.56
N LEU C 16 -19.47 2.82 -26.68
CA LEU C 16 -20.14 3.61 -27.73
C LEU C 16 -21.31 4.50 -27.29
N PRO C 17 -22.26 3.97 -26.48
CA PRO C 17 -23.34 4.85 -26.03
C PRO C 17 -22.85 6.03 -25.18
N ARG C 18 -21.82 5.82 -24.37
CA ARG C 18 -21.26 6.92 -23.57
C ARG C 18 -20.57 7.99 -24.40
N LEU C 19 -19.84 7.59 -25.44
CA LEU C 19 -19.24 8.52 -26.41
C LEU C 19 -20.27 9.50 -26.98
N GLN C 20 -21.38 8.95 -27.47
CA GLN C 20 -22.41 9.77 -28.06
C GLN C 20 -23.04 10.67 -26.99
N ALA C 21 -23.28 10.11 -25.80
CA ALA C 21 -23.97 10.84 -24.72
C ALA C 21 -23.13 12.04 -24.25
N LEU C 22 -21.81 11.86 -24.25
CA LEU C 22 -20.89 12.90 -23.74
C LEU C 22 -20.24 13.76 -24.80
N GLY C 23 -20.41 13.40 -26.09
CA GLY C 23 -19.78 14.13 -27.19
C GLY C 23 -18.27 13.91 -27.24
N LEU C 24 -17.84 12.68 -26.98
CA LEU C 24 -16.41 12.37 -26.96
C LEU C 24 -16.03 11.58 -28.19
N GLY C 25 -14.79 11.80 -28.64
CA GLY C 25 -14.11 10.91 -29.59
C GLY C 25 -13.62 9.63 -28.92
N ALA C 26 -12.92 8.80 -29.69
CA ALA C 26 -12.50 7.49 -29.20
C ALA C 26 -10.99 7.29 -29.37
N GLU C 27 -10.36 6.67 -28.37
CA GLU C 27 -9.04 6.07 -28.59
C GLU C 27 -9.14 4.60 -28.21
N VAL C 28 -9.18 3.75 -29.23
CA VAL C 28 -9.48 2.35 -29.01
C VAL C 28 -8.21 1.58 -28.83
N TYR C 29 -8.05 0.88 -27.70
CA TYR C 29 -6.87 0.04 -27.51
C TYR C 29 -7.12 -1.30 -28.19
N LEU C 30 -6.17 -1.75 -29.01
CA LEU C 30 -6.39 -2.95 -29.80
C LEU C 30 -5.94 -4.22 -29.06
N ASP C 31 -6.82 -4.77 -28.23
CA ASP C 31 -6.55 -6.05 -27.54
C ASP C 31 -5.91 -7.05 -28.49
N PRO C 32 -4.69 -7.55 -28.18
CA PRO C 32 -4.06 -8.48 -29.11
C PRO C 32 -4.90 -9.73 -29.38
N ALA C 33 -5.60 -10.23 -28.37
CA ALA C 33 -6.46 -11.41 -28.57
C ALA C 33 -7.58 -11.19 -29.59
N LEU C 34 -7.87 -9.92 -29.91
CA LEU C 34 -8.97 -9.56 -30.79
C LEU C 34 -8.52 -9.11 -32.16
N LEU C 35 -7.21 -9.06 -32.39
CA LEU C 35 -6.70 -8.53 -33.65
C LEU C 35 -7.23 -9.23 -34.91
N GLU C 36 -7.59 -10.51 -34.79
CA GLU C 36 -8.06 -11.27 -35.96
C GLU C 36 -9.57 -11.32 -36.14
N GLU C 37 -10.30 -10.60 -35.30
CA GLU C 37 -11.76 -10.66 -35.31
C GLU C 37 -12.32 -9.59 -36.26
N ASP C 38 -12.30 -9.90 -37.55
CA ASP C 38 -12.79 -8.99 -38.62
C ASP C 38 -14.10 -8.30 -38.29
N ALA C 39 -15.05 -9.06 -37.77
CA ALA C 39 -16.41 -8.56 -37.51
C ALA C 39 -16.43 -7.44 -36.48
N LEU C 40 -15.54 -7.50 -35.48
CA LEU C 40 -15.47 -6.43 -34.48
C LEU C 40 -15.02 -5.11 -35.09
N PHE C 41 -14.04 -5.18 -35.98
CA PHE C 41 -13.55 -3.96 -36.63
C PHE C 41 -14.59 -3.41 -37.60
N GLN C 42 -15.26 -4.32 -38.29
CA GLN C 42 -16.27 -3.89 -39.25
C GLN C 42 -17.43 -3.20 -38.54
N SER C 43 -17.83 -3.77 -37.40
CA SER C 43 -18.91 -3.28 -36.57
C SER C 43 -18.57 -1.89 -36.04
N LEU C 44 -17.38 -1.78 -35.45
CA LEU C 44 -16.96 -0.49 -34.91
C LEU C 44 -16.89 0.61 -35.99
N ARG C 45 -16.35 0.25 -37.15
CA ARG C 45 -16.18 1.21 -38.23
C ARG C 45 -17.52 1.78 -38.68
N ARG C 46 -18.51 0.92 -38.83
CA ARG C 46 -19.77 1.37 -39.44
C ARG C 46 -20.63 2.12 -38.42
N ARG C 47 -20.40 1.84 -37.13
CA ARG C 47 -21.25 2.38 -36.07
C ARG C 47 -20.85 3.77 -35.54
N PHE C 48 -19.60 4.15 -35.75
CA PHE C 48 -19.05 5.31 -35.08
C PHE C 48 -18.36 6.22 -36.09
N SER C 49 -18.67 7.51 -36.04
CA SER C 49 -18.12 8.46 -36.99
C SER C 49 -17.44 9.66 -36.31
N GLY C 50 -17.27 9.57 -34.99
CA GLY C 50 -16.50 10.58 -34.24
C GLY C 50 -15.02 10.44 -34.55
N LYS C 51 -14.21 11.34 -33.99
CA LYS C 51 -12.75 11.26 -34.14
C LYS C 51 -12.29 9.98 -33.50
N LEU C 52 -11.43 9.24 -34.19
CA LEU C 52 -10.94 7.98 -33.66
C LEU C 52 -9.44 7.82 -33.85
N SER C 53 -8.76 7.44 -32.76
CA SER C 53 -7.38 7.03 -32.78
C SER C 53 -7.33 5.64 -32.18
N VAL C 54 -6.18 5.00 -32.28
CA VAL C 54 -5.98 3.72 -31.61
C VAL C 54 -4.76 3.77 -30.70
N HIS C 55 -4.76 2.87 -29.74
CA HIS C 55 -3.55 2.56 -28.98
C HIS C 55 -3.13 1.18 -29.48
N LEU C 56 -1.93 1.10 -30.05
CA LEU C 56 -1.39 -0.15 -30.56
C LEU C 56 -1.03 -1.08 -29.38
N PRO C 57 -0.94 -2.39 -29.63
CA PRO C 57 -0.49 -3.36 -28.60
C PRO C 57 0.80 -2.90 -27.95
N PHE C 58 0.97 -3.23 -26.67
CA PHE C 58 2.19 -2.83 -25.98
C PHE C 58 2.61 -3.82 -24.88
N TRP C 59 1.68 -4.57 -24.33
CA TRP C 59 2.02 -5.45 -23.18
C TRP C 59 3.09 -6.47 -23.56
N ASN C 60 4.19 -6.49 -22.80
CA ASN C 60 5.29 -7.44 -23.04
C ASN C 60 5.97 -7.33 -24.42
N LEU C 61 5.79 -6.20 -25.08
CA LEU C 61 6.44 -5.99 -26.38
C LEU C 61 7.65 -5.05 -26.29
N ASP C 62 8.62 -5.29 -27.16
CA ASP C 62 9.79 -4.41 -27.26
C ASP C 62 10.53 -4.77 -28.55
N LEU C 63 10.67 -3.79 -29.45
CA LEU C 63 11.41 -4.03 -30.69
C LEU C 63 12.86 -4.34 -30.43
N LEU C 64 13.34 -3.93 -29.25
CA LEU C 64 14.73 -4.14 -28.88
C LEU C 64 14.92 -5.24 -27.83
N SER C 65 13.90 -6.07 -27.63
CA SER C 65 14.02 -7.17 -26.67
C SER C 65 15.23 -8.02 -26.99
N PRO C 66 15.97 -8.47 -25.96
CA PRO C 66 17.03 -9.47 -26.31
C PRO C 66 16.46 -10.82 -26.79
N ASP C 67 15.15 -11.03 -26.62
CA ASP C 67 14.49 -12.25 -27.09
C ASP C 67 14.05 -12.01 -28.55
N PRO C 68 14.65 -12.77 -29.50
CA PRO C 68 14.34 -12.63 -30.93
C PRO C 68 12.88 -12.85 -31.26
N GLU C 69 12.20 -13.76 -30.52
CA GLU C 69 10.81 -14.04 -30.83
C GLU C 69 9.93 -12.90 -30.35
N VAL C 70 10.33 -12.26 -29.26
CA VAL C 70 9.64 -11.05 -28.80
C VAL C 70 9.78 -9.92 -29.82
N ARG C 71 10.98 -9.70 -30.34
CA ARG C 71 11.18 -8.66 -31.35
C ARG C 71 10.28 -8.91 -32.55
N GLY C 72 10.28 -10.15 -33.04
CA GLY C 72 9.44 -10.56 -34.16
C GLY C 72 7.95 -10.33 -33.92
N LEU C 73 7.47 -10.81 -32.77
CA LEU C 73 6.07 -10.61 -32.40
C LEU C 73 5.72 -9.12 -32.31
N THR C 74 6.61 -8.33 -31.68
CA THR C 74 6.37 -6.89 -31.49
C THR C 74 6.18 -6.22 -32.86
N LEU C 75 7.07 -6.55 -33.81
CA LEU C 75 6.97 -5.93 -35.13
C LEU C 75 5.64 -6.32 -35.82
N ARG C 76 5.28 -7.58 -35.74
CA ARG C 76 3.99 -8.05 -36.29
C ARG C 76 2.79 -7.35 -35.64
N ARG C 77 2.83 -7.24 -34.32
CA ARG C 77 1.76 -6.57 -33.56
C ARG C 77 1.56 -5.11 -34.00
N LEU C 78 2.66 -4.36 -34.11
CA LEU C 78 2.59 -2.95 -34.48
C LEU C 78 2.12 -2.77 -35.93
N LEU C 79 2.65 -3.57 -36.85
CA LEU C 79 2.24 -3.48 -38.27
C LEU C 79 0.78 -3.89 -38.47
N PHE C 80 0.38 -5.00 -37.87
CA PHE C 80 -1.01 -5.45 -37.95
C PHE C 80 -1.96 -4.47 -37.26
N GLY C 81 -1.54 -3.95 -36.10
CA GLY C 81 -2.30 -2.91 -35.40
C GLY C 81 -2.53 -1.70 -36.27
N LEU C 82 -1.48 -1.31 -37.00
CA LEU C 82 -1.63 -0.15 -37.90
C LEU C 82 -2.60 -0.47 -39.04
N ASP C 83 -2.52 -1.68 -39.59
CA ASP C 83 -3.49 -2.12 -40.61
C ASP C 83 -4.92 -1.95 -40.11
N ARG C 84 -5.21 -2.45 -38.90
CA ARG C 84 -6.52 -2.27 -38.28
C ARG C 84 -6.90 -0.81 -38.02
N ALA C 85 -5.95 0.00 -37.54
CA ALA C 85 -6.19 1.44 -37.38
C ALA C 85 -6.70 2.09 -38.68
N ALA C 86 -6.04 1.76 -39.79
CA ALA C 86 -6.42 2.33 -41.09
C ALA C 86 -7.82 1.88 -41.49
N GLU C 87 -8.13 0.61 -41.21
CA GLU C 87 -9.46 0.03 -41.43
C GLU C 87 -10.53 0.77 -40.66
N LEU C 88 -10.19 1.21 -39.46
CA LEU C 88 -11.11 1.97 -38.62
C LEU C 88 -11.13 3.45 -38.92
N GLY C 89 -10.28 3.92 -39.83
CA GLY C 89 -10.22 5.33 -40.17
C GLY C 89 -9.58 6.20 -39.10
N ALA C 90 -8.65 5.60 -38.36
CA ALA C 90 -7.95 6.31 -37.32
C ALA C 90 -7.06 7.43 -37.85
N ASP C 91 -7.09 8.58 -37.17
CA ASP C 91 -6.19 9.66 -37.54
C ASP C 91 -4.81 9.42 -36.97
N ARG C 92 -4.74 8.74 -35.82
CA ARG C 92 -3.47 8.60 -35.07
C ARG C 92 -3.39 7.23 -34.42
N ALA C 93 -2.17 6.70 -34.23
CA ALA C 93 -1.95 5.45 -33.52
C ALA C 93 -0.82 5.69 -32.53
N VAL C 94 -1.07 5.32 -31.28
CA VAL C 94 -0.14 5.56 -30.17
C VAL C 94 0.54 4.23 -29.80
N PHE C 95 1.84 4.28 -29.50
CA PHE C 95 2.56 3.08 -29.10
C PHE C 95 3.60 3.46 -28.04
N HIS C 96 4.13 2.45 -27.36
CA HIS C 96 5.17 2.66 -26.33
C HIS C 96 6.53 2.28 -26.92
N SER C 97 7.59 2.82 -26.33
CA SER C 97 8.95 2.49 -26.82
C SER C 97 9.41 1.08 -26.51
N GLY C 98 8.80 0.42 -25.53
CA GLY C 98 9.26 -0.91 -25.12
C GLY C 98 10.33 -0.91 -24.04
N ILE C 99 10.79 0.27 -23.65
CA ILE C 99 11.85 0.34 -22.63
C ILE C 99 11.38 -0.34 -21.31
N PRO C 100 12.22 -1.21 -20.74
CA PRO C 100 11.93 -1.80 -19.43
C PRO C 100 11.87 -0.70 -18.38
N HIS C 101 11.14 -0.93 -17.30
CA HIS C 101 11.16 0.00 -16.20
C HIS C 101 12.56 0.06 -15.56
N GLY C 102 13.01 1.26 -15.20
CA GLY C 102 14.15 1.36 -14.27
C GLY C 102 15.50 1.45 -14.96
N ARG C 103 15.50 1.86 -16.23
CA ARG C 103 16.78 2.06 -16.92
C ARG C 103 17.36 3.42 -16.51
N THR C 104 18.67 3.52 -16.46
CA THR C 104 19.29 4.82 -16.20
C THR C 104 19.10 5.75 -17.40
N PRO C 105 19.22 7.07 -17.18
CA PRO C 105 19.16 7.98 -18.31
C PRO C 105 20.14 7.60 -19.41
N GLU C 106 21.35 7.21 -19.02
CA GLU C 106 22.38 6.84 -19.98
C GLU C 106 21.97 5.62 -20.79
N GLU C 107 21.41 4.63 -20.10
CA GLU C 107 20.94 3.40 -20.75
C GLU C 107 19.79 3.73 -21.68
N ALA C 108 18.86 4.55 -21.21
CA ALA C 108 17.75 4.97 -22.08
C ALA C 108 18.24 5.70 -23.33
N LEU C 109 19.24 6.58 -23.18
CA LEU C 109 19.75 7.34 -24.32
C LEU C 109 20.41 6.42 -25.34
N GLU C 110 21.12 5.41 -24.85
CA GLU C 110 21.73 4.40 -25.71
C GLU C 110 20.73 3.60 -26.53
N ARG C 111 19.49 3.47 -26.06
CA ARG C 111 18.43 2.80 -26.84
C ARG C 111 17.89 3.62 -28.01
N ALA C 112 18.09 4.94 -27.97
CA ALA C 112 17.32 5.86 -28.82
C ALA C 112 17.55 5.59 -30.31
N LEU C 113 18.81 5.61 -30.73
CA LEU C 113 19.09 5.35 -32.14
C LEU C 113 18.82 3.90 -32.61
N PRO C 114 19.17 2.88 -31.80
CA PRO C 114 18.69 1.56 -32.23
C PRO C 114 17.17 1.47 -32.34
N LEU C 115 16.44 2.14 -31.44
CA LEU C 115 14.97 2.11 -31.51
C LEU C 115 14.50 2.81 -32.79
N ALA C 116 15.08 3.97 -33.05
CA ALA C 116 14.77 4.68 -34.27
C ALA C 116 14.98 3.83 -35.51
N GLU C 117 16.07 3.06 -35.58
CA GLU C 117 16.30 2.13 -36.71
C GLU C 117 15.23 1.07 -36.74
N ALA C 118 14.94 0.49 -35.58
CA ALA C 118 14.00 -0.61 -35.53
C ALA C 118 12.59 -0.16 -35.93
N LEU C 119 12.30 1.11 -35.74
CA LEU C 119 10.98 1.67 -36.07
C LEU C 119 10.80 2.01 -37.54
N GLY C 120 11.89 1.91 -38.31
CA GLY C 120 11.84 2.18 -39.77
C GLY C 120 10.59 1.67 -40.48
N LEU C 121 10.38 0.35 -40.42
CA LEU C 121 9.23 -0.31 -41.06
C LEU C 121 7.88 0.16 -40.53
N VAL C 122 7.85 0.48 -39.23
CA VAL C 122 6.61 0.89 -38.55
C VAL C 122 6.21 2.32 -38.94
N VAL C 123 7.18 3.22 -38.92
CA VAL C 123 6.97 4.60 -39.36
C VAL C 123 6.54 4.62 -40.84
N ARG C 124 7.20 3.81 -41.66
CA ARG C 124 6.88 3.74 -43.10
C ARG C 124 5.46 3.20 -43.33
N ARG C 125 5.08 2.16 -42.59
CA ARG C 125 3.72 1.60 -42.72
C ARG C 125 2.66 2.64 -42.34
N ALA C 126 2.92 3.37 -41.26
CA ALA C 126 1.99 4.41 -40.78
C ALA C 126 1.80 5.46 -41.88
N ARG C 127 2.92 5.88 -42.44
CA ARG C 127 2.93 6.92 -43.45
C ARG C 127 2.17 6.43 -44.70
N THR C 128 2.45 5.20 -45.11
CA THR C 128 1.76 4.57 -46.25
C THR C 128 0.24 4.53 -46.06
N LEU C 129 -0.19 4.15 -44.85
CA LEU C 129 -1.60 4.05 -44.54
C LEU C 129 -2.30 5.37 -44.24
N GLY C 130 -1.53 6.45 -44.08
CA GLY C 130 -2.11 7.74 -43.81
C GLY C 130 -2.51 7.91 -42.35
N VAL C 131 -1.85 7.15 -41.47
CA VAL C 131 -2.12 7.21 -40.01
C VAL C 131 -0.91 7.88 -39.33
N ARG C 132 -1.18 8.86 -38.46
CA ARG C 132 -0.13 9.59 -37.76
C ARG C 132 0.36 8.79 -36.57
N LEU C 133 1.64 8.42 -36.59
CA LEU C 133 2.21 7.57 -35.55
C LEU C 133 2.74 8.41 -34.39
N LEU C 134 2.43 8.00 -33.15
CA LEU C 134 2.75 8.79 -31.97
C LEU C 134 3.41 7.93 -30.89
N LEU C 135 4.56 8.38 -30.41
CA LEU C 135 5.29 7.67 -29.37
C LEU C 135 4.91 8.31 -28.02
N GLU C 136 4.46 7.49 -27.07
CA GLU C 136 4.03 7.95 -25.76
C GLU C 136 5.13 7.62 -24.77
N ASN C 137 5.39 8.53 -23.82
CA ASN C 137 6.33 8.21 -22.73
C ASN C 137 5.69 7.21 -21.79
N SER C 138 6.47 6.22 -21.39
CA SER C 138 6.01 5.21 -20.44
C SER C 138 7.05 5.16 -19.33
N HIS C 139 8.12 4.39 -19.54
CA HIS C 139 9.14 4.21 -18.51
C HIS C 139 10.45 4.96 -18.75
N GLU C 140 10.51 5.77 -19.80
CA GLU C 140 11.74 6.55 -20.08
C GLU C 140 12.03 7.44 -18.89
N PRO C 141 13.30 7.50 -18.47
CA PRO C 141 13.64 8.36 -17.33
C PRO C 141 13.50 9.84 -17.62
N HIS C 142 13.73 10.25 -18.86
CA HIS C 142 13.81 11.67 -19.16
C HIS C 142 13.46 11.97 -20.61
N PRO C 143 13.03 13.21 -20.92
CA PRO C 143 12.65 13.47 -22.31
C PRO C 143 13.81 13.37 -23.29
N GLU C 144 15.04 13.57 -22.83
CA GLU C 144 16.24 13.45 -23.67
C GLU C 144 16.39 12.06 -24.25
N ALA C 145 15.71 11.07 -23.65
CA ALA C 145 15.69 9.71 -24.20
C ALA C 145 14.86 9.58 -25.48
N LEU C 146 13.82 10.42 -25.60
CA LEU C 146 12.92 10.38 -26.76
C LEU C 146 13.30 11.34 -27.88
N ARG C 147 13.95 12.46 -27.54
CA ARG C 147 14.27 13.48 -28.55
C ARG C 147 15.00 12.91 -29.78
N PRO C 148 16.05 12.09 -29.58
CA PRO C 148 16.76 11.59 -30.76
C PRO C 148 15.90 10.66 -31.62
N VAL C 149 14.97 9.94 -31.00
CA VAL C 149 14.04 9.12 -31.78
C VAL C 149 13.16 9.99 -32.66
N LEU C 150 12.60 11.04 -32.06
CA LEU C 150 11.74 11.98 -32.76
C LEU C 150 12.52 12.72 -33.85
N GLU C 151 13.77 13.09 -33.54
CA GLU C 151 14.63 13.78 -34.52
C GLU C 151 15.05 12.87 -35.68
N ALA C 152 15.33 11.60 -35.40
CA ALA C 152 15.65 10.60 -36.42
C ALA C 152 14.53 10.44 -37.44
N HIS C 153 13.29 10.63 -36.99
CA HIS C 153 12.12 10.48 -37.85
C HIS C 153 11.39 11.79 -38.04
N ALA C 154 12.16 12.85 -38.27
CA ALA C 154 11.63 14.21 -38.23
C ALA C 154 10.48 14.35 -39.19
N GLY C 155 9.35 14.87 -38.71
CA GLY C 155 8.19 15.05 -39.57
C GLY C 155 7.34 13.79 -39.75
N GLU C 156 7.80 12.67 -39.20
CA GLU C 156 7.11 11.40 -39.46
C GLU C 156 6.70 10.68 -38.19
N LEU C 157 7.08 11.23 -37.05
CA LEU C 157 6.75 10.60 -35.75
C LEU C 157 6.42 11.69 -34.79
N GLY C 158 5.26 11.60 -34.13
CA GLY C 158 4.84 12.60 -33.16
C GLY C 158 5.03 12.10 -31.72
N PHE C 159 4.72 12.95 -30.75
CA PHE C 159 4.90 12.62 -29.33
C PHE C 159 3.57 12.75 -28.58
N CYS C 160 3.26 11.72 -27.77
CA CYS C 160 2.10 11.72 -26.91
C CYS C 160 2.60 11.80 -25.45
N PHE C 161 2.19 12.85 -24.75
CA PHE C 161 2.65 13.05 -23.40
C PHE C 161 1.65 12.52 -22.37
N ASP C 162 2.16 11.67 -21.46
CA ASP C 162 1.38 11.15 -20.32
C ASP C 162 2.03 11.61 -19.02
N ALA C 163 1.44 12.63 -18.39
CA ALA C 163 2.05 13.27 -17.19
C ALA C 163 2.19 12.32 -15.99
N ALA C 164 1.19 11.43 -15.81
CA ALA C 164 1.26 10.46 -14.70
C ALA C 164 2.41 9.46 -14.90
N HIS C 165 2.65 9.04 -16.14
CA HIS C 165 3.78 8.14 -16.41
C HIS C 165 5.09 8.84 -16.04
N ALA C 166 5.22 10.11 -16.43
CA ALA C 166 6.44 10.86 -16.03
C ALA C 166 6.50 10.96 -14.50
N ARG C 167 5.38 11.30 -13.87
CA ARG C 167 5.40 11.46 -12.41
C ARG C 167 5.80 10.17 -11.68
N VAL C 168 5.17 9.07 -12.06
CA VAL C 168 5.27 7.80 -11.32
C VAL C 168 6.43 6.91 -11.74
N PHE C 169 6.80 6.94 -13.02
CA PHE C 169 7.80 6.01 -13.54
C PHE C 169 9.17 6.63 -13.93
N SER C 170 9.25 7.95 -14.01
CA SER C 170 10.46 8.50 -14.62
C SER C 170 11.32 9.18 -13.56
N ARG C 171 12.40 9.80 -14.02
CA ARG C 171 13.36 10.58 -13.20
C ARG C 171 13.02 12.05 -13.39
N THR C 172 11.95 12.29 -14.13
CA THR C 172 11.58 13.64 -14.51
C THR C 172 10.07 13.88 -14.19
N PRO C 173 9.73 14.04 -12.89
CA PRO C 173 8.31 14.14 -12.54
C PRO C 173 7.64 15.43 -13.04
N ASP C 174 8.41 16.49 -13.23
CA ASP C 174 7.86 17.78 -13.69
C ASP C 174 7.43 17.68 -15.15
N PRO C 175 6.22 18.16 -15.46
CA PRO C 175 5.74 18.12 -16.86
C PRO C 175 6.55 19.00 -17.81
N GLY C 176 7.14 20.09 -17.32
CA GLY C 176 7.84 21.07 -18.19
C GLY C 176 8.78 20.50 -19.23
N PRO C 177 9.73 19.64 -18.82
CA PRO C 177 10.72 19.15 -19.78
C PRO C 177 10.15 18.25 -20.85
N TRP C 178 9.07 17.52 -20.51
CA TRP C 178 8.34 16.71 -21.49
C TRP C 178 7.55 17.58 -22.47
N LEU C 179 6.91 18.62 -21.96
CA LEU C 179 6.14 19.55 -22.79
C LEU C 179 7.05 20.24 -23.82
N ALA C 180 8.34 20.39 -23.50
CA ALA C 180 9.33 20.94 -24.43
C ALA C 180 9.54 20.04 -25.67
N LEU C 181 9.07 18.78 -25.60
CA LEU C 181 9.04 17.92 -26.80
C LEU C 181 7.88 18.23 -27.76
N ALA C 182 7.01 19.15 -27.36
CA ALA C 182 5.88 19.62 -28.19
C ALA C 182 4.87 18.50 -28.52
N PRO C 183 4.32 17.86 -27.48
CA PRO C 183 3.34 16.80 -27.75
C PRO C 183 2.15 17.33 -28.53
N GLU C 184 1.72 16.57 -29.52
CA GLU C 184 0.50 16.93 -30.26
C GLU C 184 -0.74 16.21 -29.73
N HIS C 185 -0.52 15.32 -28.77
CA HIS C 185 -1.53 14.38 -28.27
C HIS C 185 -1.21 14.27 -26.79
N LEU C 186 -2.24 14.40 -25.95
CA LEU C 186 -2.08 14.28 -24.51
C LEU C 186 -2.91 13.13 -23.97
N HIS C 187 -2.29 12.32 -23.11
CA HIS C 187 -3.00 11.32 -22.34
C HIS C 187 -3.23 11.86 -20.95
N LEU C 188 -4.50 12.05 -20.59
CA LEU C 188 -4.87 12.73 -19.36
C LEU C 188 -5.49 11.81 -18.32
N ASN C 189 -5.00 11.97 -17.08
CA ASN C 189 -5.62 11.39 -15.90
C ASN C 189 -4.88 11.93 -14.67
N ASP C 190 -5.24 11.46 -13.48
CA ASP C 190 -4.57 11.91 -12.27
C ASP C 190 -4.12 10.73 -11.42
N THR C 191 -3.25 11.04 -10.47
CA THR C 191 -2.58 10.02 -9.68
C THR C 191 -2.38 10.59 -8.28
N ASP C 192 -1.97 9.72 -7.36
CA ASP C 192 -1.54 10.14 -6.03
C ASP C 192 -0.04 10.40 -5.93
N GLY C 193 0.67 10.16 -7.05
CA GLY C 193 2.12 10.33 -7.09
C GLY C 193 2.85 9.03 -6.83
N VAL C 194 2.11 7.97 -6.52
CA VAL C 194 2.67 6.65 -6.19
C VAL C 194 2.43 5.63 -7.28
N TYR C 195 1.17 5.54 -7.70
CA TYR C 195 0.74 4.57 -8.68
C TYR C 195 0.12 5.27 -9.89
N ASP C 196 0.20 4.63 -11.07
CA ASP C 196 -0.51 5.08 -12.24
C ASP C 196 -1.99 4.71 -12.07
N ARG C 197 -2.70 5.57 -11.33
CA ARG C 197 -4.08 5.32 -10.87
C ARG C 197 -5.17 5.43 -11.94
N HIS C 198 -4.92 6.22 -12.99
CA HIS C 198 -5.92 6.49 -14.04
C HIS C 198 -7.21 7.10 -13.45
N TRP C 199 -7.03 8.01 -12.49
CA TRP C 199 -8.16 8.74 -11.89
C TRP C 199 -8.61 9.90 -12.77
N ASN C 200 -9.83 10.36 -12.54
CA ASN C 200 -10.31 11.56 -13.21
C ASN C 200 -9.49 12.78 -12.87
N LEU C 201 -9.43 13.72 -13.81
CA LEU C 201 -8.82 15.01 -13.54
C LEU C 201 -9.49 15.67 -12.35
N GLY C 202 -8.68 16.39 -11.57
CA GLY C 202 -9.16 17.05 -10.38
C GLY C 202 -9.14 16.15 -9.15
N ARG C 203 -8.88 14.86 -9.32
CA ARG C 203 -9.05 13.91 -8.21
C ARG C 203 -7.75 13.47 -7.55
N GLY C 204 -6.62 13.86 -8.12
CA GLY C 204 -5.31 13.51 -7.57
C GLY C 204 -4.42 14.70 -7.30
N VAL C 205 -3.13 14.56 -7.59
CA VAL C 205 -2.12 15.54 -7.17
C VAL C 205 -1.42 16.30 -8.31
N LEU C 206 -1.73 15.97 -9.55
CA LEU C 206 -0.95 16.55 -10.66
C LEU C 206 -1.18 18.03 -10.94
N GLY C 207 -2.31 18.58 -10.48
CA GLY C 207 -2.58 20.02 -10.64
C GLY C 207 -2.47 20.51 -12.08
N HIS C 208 -3.22 19.84 -12.95
CA HIS C 208 -3.24 20.16 -14.38
C HIS C 208 -3.54 21.61 -14.69
N GLY C 209 -4.37 22.23 -13.86
CA GLY C 209 -4.76 23.63 -14.01
C GLY C 209 -3.58 24.56 -14.14
N ALA C 210 -2.47 24.18 -13.52
CA ALA C 210 -1.25 24.98 -13.56
C ALA C 210 -0.56 25.00 -14.92
N TRP C 211 -0.75 23.97 -15.75
CA TRP C 211 0.01 23.87 -16.99
C TRP C 211 -0.75 23.49 -18.27
N LEU C 212 -1.97 23.02 -18.12
CA LEU C 212 -2.69 22.38 -19.23
C LEU C 212 -3.42 23.37 -20.16
N ARG C 213 -3.82 24.53 -19.63
CA ARG C 213 -4.62 25.49 -20.41
C ARG C 213 -4.03 25.77 -21.82
N PRO C 214 -2.72 26.08 -21.94
CA PRO C 214 -2.16 26.32 -23.30
C PRO C 214 -2.29 25.17 -24.30
N TYR C 215 -2.56 23.95 -23.81
CA TYR C 215 -2.60 22.75 -24.66
C TYR C 215 -4.01 22.27 -24.98
N LEU C 216 -5.01 23.09 -24.63
CA LEU C 216 -6.40 22.67 -24.79
C LEU C 216 -6.89 22.58 -26.26
N ASP C 217 -6.05 23.06 -27.17
CA ASP C 217 -6.32 23.00 -28.60
C ASP C 217 -5.66 21.77 -29.23
N ARG C 218 -5.10 20.90 -28.41
CA ARG C 218 -4.50 19.67 -28.90
C ARG C 218 -5.44 18.48 -28.61
N THR C 219 -5.23 17.34 -29.23
CA THR C 219 -6.09 16.20 -28.99
C THR C 219 -5.79 15.67 -27.59
N MET C 220 -6.83 15.49 -26.78
CA MET C 220 -6.69 14.96 -25.43
C MET C 220 -7.46 13.66 -25.25
N VAL C 221 -6.81 12.69 -24.64
CA VAL C 221 -7.43 11.42 -24.44
C VAL C 221 -7.60 11.20 -22.94
N LEU C 222 -8.81 10.88 -22.52
CA LEU C 222 -9.07 10.61 -21.12
C LEU C 222 -8.76 9.16 -20.83
N GLU C 223 -7.64 8.93 -20.15
CA GLU C 223 -7.22 7.57 -19.83
C GLU C 223 -7.64 7.29 -18.39
N VAL C 224 -8.93 7.11 -18.21
CA VAL C 224 -9.54 7.07 -16.89
C VAL C 224 -10.34 5.77 -16.73
N ARG C 225 -10.29 5.20 -15.54
CA ARG C 225 -10.93 3.90 -15.32
C ARG C 225 -12.42 4.03 -15.11
N GLU C 226 -12.83 5.09 -14.42
CA GLU C 226 -14.22 5.26 -14.03
C GLU C 226 -14.90 6.06 -15.11
N ASP C 227 -16.13 6.48 -14.85
CA ASP C 227 -16.84 7.31 -15.80
C ASP C 227 -16.12 8.63 -16.03
N PRO C 228 -15.91 8.96 -17.30
CA PRO C 228 -15.08 10.11 -17.68
C PRO C 228 -15.76 11.47 -17.57
N GLU C 229 -17.04 11.51 -17.20
CA GLU C 229 -17.74 12.80 -17.19
C GLU C 229 -17.05 13.86 -16.30
N ALA C 230 -16.53 13.47 -15.14
CA ALA C 230 -15.83 14.43 -14.27
C ALA C 230 -14.59 15.07 -14.93
N SER C 231 -13.84 14.31 -15.73
CA SER C 231 -12.68 14.88 -16.41
C SER C 231 -13.12 15.82 -17.55
N LEU C 232 -14.17 15.43 -18.27
CA LEU C 232 -14.73 16.35 -19.26
C LEU C 232 -15.17 17.70 -18.63
N ALA C 233 -15.86 17.63 -17.48
CA ALA C 233 -16.27 18.86 -16.79
C ALA C 233 -15.05 19.66 -16.29
N PHE C 234 -14.01 18.94 -15.87
CA PHE C 234 -12.77 19.60 -15.49
C PHE C 234 -12.18 20.43 -16.65
N LEU C 235 -12.10 19.83 -17.84
CA LEU C 235 -11.57 20.50 -19.02
C LEU C 235 -12.43 21.67 -19.46
N GLN C 236 -13.74 21.51 -19.35
CA GLN C 236 -14.67 22.60 -19.73
C GLN C 236 -14.55 23.78 -18.78
N ALA C 237 -14.43 23.50 -17.48
CA ALA C 237 -14.15 24.56 -16.50
C ALA C 237 -12.82 25.25 -16.80
N LEU C 238 -11.77 24.45 -17.04
CA LEU C 238 -10.46 25.02 -17.38
C LEU C 238 -10.48 25.86 -18.66
N ALA C 239 -11.26 25.43 -19.65
CA ALA C 239 -11.40 26.19 -20.90
C ALA C 239 -12.13 27.51 -20.67
N GLY C 240 -13.13 27.47 -19.79
CA GLY C 240 -14.01 28.62 -19.56
C GLY C 240 -13.28 29.78 -18.92
N GLU C 241 -12.71 29.53 -17.75
CA GLU C 241 -12.05 30.56 -16.91
C GLU C 241 -11.18 31.58 -17.65
N MET D 1 -18.16 -28.92 16.07
CA MET D 1 -17.63 -27.64 16.62
C MET D 1 -18.54 -26.53 16.14
N ASP D 2 -18.60 -25.46 16.94
CA ASP D 2 -19.41 -24.28 16.62
C ASP D 2 -18.43 -23.26 16.02
N VAL D 3 -18.35 -23.29 14.69
CA VAL D 3 -17.42 -22.47 13.94
C VAL D 3 -18.26 -21.49 13.12
N ARG D 4 -17.95 -20.20 13.22
CA ARG D 4 -18.78 -19.17 12.57
C ARG D 4 -17.88 -18.32 11.72
N LEU D 5 -18.43 -17.75 10.65
CA LEU D 5 -17.69 -16.78 9.83
C LEU D 5 -18.11 -15.36 10.20
N ALA D 6 -17.11 -14.49 10.45
CA ALA D 6 -17.39 -13.07 10.64
C ALA D 6 -17.61 -12.40 9.26
N PHE D 7 -18.65 -11.58 9.16
CA PHE D 7 -18.82 -10.77 7.93
C PHE D 7 -19.66 -9.56 8.30
N PRO D 8 -19.48 -8.44 7.58
CA PRO D 8 -20.38 -7.31 7.82
C PRO D 8 -21.79 -7.55 7.25
N LEU D 9 -22.81 -6.99 7.88
CA LEU D 9 -24.16 -6.99 7.28
C LEU D 9 -24.18 -6.53 5.81
N SER D 10 -23.32 -5.56 5.50
CA SER D 10 -23.26 -4.99 4.15
C SER D 10 -22.77 -6.01 3.09
N ARG D 11 -22.22 -7.14 3.54
CA ARG D 11 -21.84 -8.21 2.63
C ARG D 11 -22.58 -9.51 2.92
N ALA D 12 -23.76 -9.42 3.54
CA ALA D 12 -24.52 -10.63 3.86
C ALA D 12 -24.91 -11.45 2.63
N GLU D 13 -25.23 -10.80 1.52
CA GLU D 13 -25.63 -11.54 0.31
C GLU D 13 -24.55 -12.47 -0.20
N GLU D 14 -23.30 -12.01 -0.14
CA GLU D 14 -22.16 -12.85 -0.53
C GLU D 14 -21.93 -13.98 0.48
N ALA D 15 -22.08 -13.68 1.75
CA ALA D 15 -21.70 -14.64 2.79
C ALA D 15 -22.66 -15.83 2.90
N LEU D 16 -23.97 -15.60 2.76
CA LEU D 16 -24.95 -16.66 3.08
C LEU D 16 -24.72 -17.99 2.33
N PRO D 17 -24.56 -17.92 0.99
CA PRO D 17 -24.32 -19.17 0.25
C PRO D 17 -23.04 -19.89 0.73
N ARG D 18 -22.01 -19.12 1.08
CA ARG D 18 -20.77 -19.70 1.59
C ARG D 18 -20.96 -20.38 2.95
N LEU D 19 -21.73 -19.74 3.84
CA LEU D 19 -22.10 -20.37 5.11
C LEU D 19 -22.76 -21.72 4.94
N GLN D 20 -23.74 -21.79 4.06
CA GLN D 20 -24.44 -23.04 3.85
C GLN D 20 -23.48 -24.09 3.32
N ALA D 21 -22.68 -23.71 2.33
CA ALA D 21 -21.80 -24.67 1.63
C ALA D 21 -20.75 -25.27 2.59
N LEU D 22 -20.32 -24.46 3.55
CA LEU D 22 -19.26 -24.85 4.46
C LEU D 22 -19.74 -25.34 5.82
N GLY D 23 -21.03 -25.17 6.11
CA GLY D 23 -21.60 -25.54 7.41
C GLY D 23 -21.15 -24.62 8.56
N LEU D 24 -21.04 -23.34 8.25
CA LEU D 24 -20.58 -22.37 9.24
C LEU D 24 -21.77 -21.61 9.81
N GLY D 25 -21.64 -21.22 11.07
CA GLY D 25 -22.54 -20.21 11.68
C GLY D 25 -22.07 -18.80 11.26
N ALA D 26 -22.69 -17.78 11.85
CA ALA D 26 -22.44 -16.41 11.41
C ALA D 26 -22.12 -15.54 12.61
N GLU D 27 -21.16 -14.63 12.44
CA GLU D 27 -21.07 -13.50 13.35
C GLU D 27 -21.16 -12.24 12.51
N VAL D 28 -22.32 -11.55 12.59
CA VAL D 28 -22.60 -10.42 11.71
C VAL D 28 -22.21 -9.11 12.36
N TYR D 29 -21.31 -8.37 11.71
CA TYR D 29 -20.93 -7.03 12.17
C TYR D 29 -22.01 -6.02 11.71
N LEU D 30 -22.52 -5.23 12.66
CA LEU D 30 -23.66 -4.39 12.36
C LEU D 30 -23.17 -3.03 11.84
N ASP D 31 -22.93 -2.93 10.54
CA ASP D 31 -22.50 -1.65 9.93
C ASP D 31 -23.35 -0.50 10.46
N PRO D 32 -22.69 0.56 11.00
CA PRO D 32 -23.52 1.64 11.57
C PRO D 32 -24.44 2.29 10.54
N ALA D 33 -23.98 2.39 9.30
CA ALA D 33 -24.77 3.03 8.24
C ALA D 33 -26.02 2.25 7.86
N LEU D 34 -26.05 0.97 8.24
CA LEU D 34 -27.19 0.09 7.93
C LEU D 34 -28.13 -0.20 9.09
N LEU D 35 -27.84 0.39 10.26
CA LEU D 35 -28.63 0.08 11.45
C LEU D 35 -30.13 0.33 11.31
N GLU D 36 -30.52 1.33 10.52
CA GLU D 36 -31.94 1.65 10.36
C GLU D 36 -32.67 0.87 9.27
N GLU D 37 -31.95 0.00 8.55
CA GLU D 37 -32.52 -0.69 7.39
C GLU D 37 -33.28 -1.96 7.80
N ASP D 38 -34.54 -1.79 8.20
CA ASP D 38 -35.38 -2.91 8.68
C ASP D 38 -35.36 -4.12 7.74
N ALA D 39 -35.47 -3.85 6.44
CA ALA D 39 -35.62 -4.91 5.43
C ALA D 39 -34.41 -5.88 5.43
N LEU D 40 -33.21 -5.34 5.69
CA LEU D 40 -32.01 -6.17 5.68
C LEU D 40 -31.99 -7.13 6.88
N PHE D 41 -32.45 -6.66 8.03
CA PHE D 41 -32.50 -7.51 9.24
C PHE D 41 -33.56 -8.58 9.06
N GLN D 42 -34.69 -8.19 8.50
CA GLN D 42 -35.79 -9.13 8.31
C GLN D 42 -35.37 -10.21 7.30
N SER D 43 -34.70 -9.81 6.22
CA SER D 43 -34.20 -10.75 5.21
C SER D 43 -33.20 -11.74 5.80
N LEU D 44 -32.22 -11.23 6.53
CA LEU D 44 -31.26 -12.13 7.16
C LEU D 44 -31.90 -13.10 8.13
N ARG D 45 -32.80 -12.61 9.00
CA ARG D 45 -33.46 -13.45 10.01
C ARG D 45 -34.19 -14.60 9.31
N ARG D 46 -34.90 -14.29 8.23
CA ARG D 46 -35.75 -15.34 7.65
C ARG D 46 -34.98 -16.34 6.81
N ARG D 47 -33.83 -15.93 6.26
CA ARG D 47 -33.10 -16.77 5.34
C ARG D 47 -32.07 -17.72 5.97
N PHE D 48 -31.68 -17.44 7.22
CA PHE D 48 -30.53 -18.12 7.81
C PHE D 48 -30.96 -18.72 9.16
N SER D 49 -30.65 -20.00 9.38
CA SER D 49 -31.05 -20.61 10.64
C SER D 49 -29.89 -21.29 11.37
N GLY D 50 -28.67 -21.01 10.91
CA GLY D 50 -27.44 -21.38 11.66
C GLY D 50 -27.29 -20.59 12.97
N LYS D 51 -26.26 -20.93 13.75
CA LYS D 51 -25.93 -20.15 14.94
C LYS D 51 -25.56 -18.76 14.52
N LEU D 52 -26.01 -17.77 15.25
CA LEU D 52 -25.72 -16.40 14.84
C LEU D 52 -25.39 -15.56 16.06
N SER D 53 -24.29 -14.82 15.97
CA SER D 53 -23.97 -13.79 16.97
C SER D 53 -23.78 -12.49 16.18
N VAL D 54 -23.65 -11.38 16.88
CA VAL D 54 -23.31 -10.12 16.19
C VAL D 54 -22.06 -9.50 16.78
N HIS D 55 -21.43 -8.68 15.94
CA HIS D 55 -20.40 -7.78 16.44
C HIS D 55 -21.03 -6.39 16.43
N LEU D 56 -21.13 -5.79 17.62
CA LEU D 56 -21.68 -4.43 17.77
C LEU D 56 -20.77 -3.37 17.13
N PRO D 57 -21.31 -2.18 16.82
CA PRO D 57 -20.47 -1.12 16.29
C PRO D 57 -19.28 -0.86 17.22
N PHE D 58 -18.17 -0.42 16.63
CA PHE D 58 -16.99 -0.10 17.45
C PHE D 58 -16.14 1.04 16.93
N TRP D 59 -16.16 1.30 15.62
CA TRP D 59 -15.19 2.25 15.05
C TRP D 59 -15.46 3.64 15.62
N ASN D 60 -14.40 4.28 16.15
CA ASN D 60 -14.48 5.65 16.73
C ASN D 60 -15.44 5.79 17.91
N LEU D 61 -15.75 4.66 18.56
CA LEU D 61 -16.61 4.71 19.72
C LEU D 61 -15.86 4.49 21.04
N ASP D 62 -16.39 5.06 22.12
CA ASP D 62 -15.79 4.91 23.46
C ASP D 62 -16.78 5.52 24.44
N LEU D 63 -17.34 4.68 25.32
CA LEU D 63 -18.17 5.13 26.43
C LEU D 63 -17.46 6.10 27.37
N LEU D 64 -16.13 6.02 27.42
CA LEU D 64 -15.35 6.92 28.27
C LEU D 64 -14.65 8.05 27.49
N SER D 65 -15.06 8.28 26.26
CA SER D 65 -14.48 9.38 25.46
C SER D 65 -14.55 10.72 26.23
N PRO D 66 -13.51 11.57 26.12
CA PRO D 66 -13.66 12.90 26.75
C PRO D 66 -14.64 13.80 25.97
N ASP D 67 -15.02 13.38 24.77
CA ASP D 67 -16.02 14.08 23.97
C ASP D 67 -17.42 13.58 24.36
N PRO D 68 -18.26 14.46 24.93
CA PRO D 68 -19.58 14.03 25.41
C PRO D 68 -20.46 13.52 24.28
N GLU D 69 -20.29 14.06 23.08
CA GLU D 69 -21.14 13.59 21.98
C GLU D 69 -20.76 12.19 21.52
N VAL D 70 -19.46 11.90 21.58
CA VAL D 70 -18.99 10.53 21.32
C VAL D 70 -19.55 9.57 22.37
N ARG D 71 -19.57 9.95 23.66
CA ARG D 71 -20.08 9.04 24.67
C ARG D 71 -21.55 8.74 24.40
N GLY D 72 -22.29 9.80 24.03
CA GLY D 72 -23.74 9.66 23.80
C GLY D 72 -24.00 8.77 22.58
N LEU D 73 -23.22 8.99 21.52
CA LEU D 73 -23.35 8.22 20.30
C LEU D 73 -23.00 6.76 20.57
N THR D 74 -21.92 6.55 21.33
CA THR D 74 -21.48 5.19 21.63
C THR D 74 -22.59 4.38 22.32
N LEU D 75 -23.20 4.97 23.33
CA LEU D 75 -24.31 4.31 24.02
C LEU D 75 -25.49 4.01 23.10
N ARG D 76 -25.89 4.97 22.28
CA ARG D 76 -27.00 4.74 21.33
C ARG D 76 -26.66 3.60 20.36
N ARG D 77 -25.41 3.54 19.94
CA ARG D 77 -24.95 2.51 18.98
C ARG D 77 -25.00 1.12 19.60
N LEU D 78 -24.49 0.98 20.82
CA LEU D 78 -24.48 -0.31 21.49
C LEU D 78 -25.90 -0.77 21.83
N LEU D 79 -26.74 0.15 22.32
CA LEU D 79 -28.11 -0.20 22.68
C LEU D 79 -28.94 -0.58 21.47
N PHE D 80 -28.86 0.20 20.41
CA PHE D 80 -29.63 -0.14 19.21
C PHE D 80 -29.06 -1.42 18.56
N GLY D 81 -27.73 -1.56 18.61
CA GLY D 81 -27.13 -2.77 18.06
C GLY D 81 -27.64 -4.00 18.81
N LEU D 82 -27.82 -3.87 20.12
CA LEU D 82 -28.37 -5.01 20.91
C LEU D 82 -29.82 -5.31 20.53
N ASP D 83 -30.62 -4.26 20.28
CA ASP D 83 -32.00 -4.44 19.83
C ASP D 83 -32.00 -5.23 18.52
N ARG D 84 -31.14 -4.84 17.59
CA ARG D 84 -31.01 -5.62 16.33
C ARG D 84 -30.53 -7.06 16.56
N ALA D 85 -29.58 -7.27 17.48
CA ALA D 85 -29.12 -8.62 17.78
C ALA D 85 -30.27 -9.51 18.24
N ALA D 86 -31.12 -8.97 19.10
CA ALA D 86 -32.29 -9.72 19.58
C ALA D 86 -33.26 -10.03 18.45
N GLU D 87 -33.51 -9.05 17.58
CA GLU D 87 -34.34 -9.26 16.38
C GLU D 87 -33.85 -10.44 15.52
N LEU D 88 -32.53 -10.53 15.38
CA LEU D 88 -31.88 -11.58 14.62
C LEU D 88 -31.77 -12.91 15.38
N GLY D 89 -32.24 -12.92 16.62
CA GLY D 89 -32.12 -14.13 17.47
C GLY D 89 -30.67 -14.48 17.81
N ALA D 90 -29.82 -13.47 17.91
CA ALA D 90 -28.39 -13.70 18.21
C ALA D 90 -28.22 -14.27 19.61
N ASP D 91 -27.28 -15.20 19.79
CA ASP D 91 -26.99 -15.70 21.14
C ASP D 91 -26.09 -14.75 21.90
N ARG D 92 -25.18 -14.11 21.15
CA ARG D 92 -24.09 -13.33 21.73
C ARG D 92 -23.88 -12.06 20.94
N ALA D 93 -23.43 -11.01 21.63
CA ALA D 93 -23.07 -9.75 20.96
C ALA D 93 -21.69 -9.33 21.52
N VAL D 94 -20.77 -9.06 20.60
CA VAL D 94 -19.38 -8.76 20.96
C VAL D 94 -19.13 -7.26 20.76
N PHE D 95 -18.36 -6.64 21.66
CA PHE D 95 -18.07 -5.21 21.52
C PHE D 95 -16.66 -4.97 22.03
N HIS D 96 -16.14 -3.78 21.76
CA HIS D 96 -14.79 -3.42 22.21
C HIS D 96 -14.87 -2.47 23.39
N SER D 97 -13.78 -2.39 24.18
CA SER D 97 -13.83 -1.52 25.37
C SER D 97 -13.80 -0.04 25.06
N GLY D 98 -13.28 0.34 23.88
CA GLY D 98 -13.15 1.74 23.47
C GLY D 98 -11.80 2.35 23.88
N ILE D 99 -10.95 1.57 24.55
CA ILE D 99 -9.64 2.12 24.97
C ILE D 99 -8.82 2.55 23.74
N PRO D 100 -8.23 3.76 23.79
CA PRO D 100 -7.35 4.18 22.70
C PRO D 100 -6.13 3.28 22.66
N HIS D 101 -5.50 3.21 21.49
CA HIS D 101 -4.28 2.47 21.41
C HIS D 101 -3.19 3.20 22.20
N GLY D 102 -2.33 2.43 22.84
CA GLY D 102 -1.10 3.00 23.41
C GLY D 102 -1.19 3.50 24.85
N ARG D 103 -2.22 3.07 25.57
CA ARG D 103 -2.28 3.39 26.99
C ARG D 103 -1.27 2.53 27.74
N THR D 104 -0.68 3.09 28.79
CA THR D 104 0.15 2.24 29.66
C THR D 104 -0.73 1.23 30.41
N PRO D 105 -0.13 0.14 30.93
CA PRO D 105 -0.92 -0.81 31.73
C PRO D 105 -1.60 -0.09 32.91
N GLU D 106 -0.91 0.87 33.54
CA GLU D 106 -1.52 1.54 34.69
C GLU D 106 -2.71 2.40 34.29
N GLU D 107 -2.60 3.10 33.15
CA GLU D 107 -3.70 3.89 32.61
C GLU D 107 -4.87 2.97 32.29
N ALA D 108 -4.56 1.83 31.69
CA ALA D 108 -5.63 0.87 31.35
C ALA D 108 -6.37 0.33 32.59
N LEU D 109 -5.61 0.06 33.65
CA LEU D 109 -6.20 -0.42 34.87
C LEU D 109 -7.10 0.66 35.45
N GLU D 110 -6.65 1.91 35.38
CA GLU D 110 -7.41 3.05 35.88
C GLU D 110 -8.76 3.21 35.13
N ARG D 111 -8.85 2.75 33.89
CA ARG D 111 -10.10 2.82 33.15
C ARG D 111 -11.12 1.75 33.56
N ALA D 112 -10.67 0.69 34.22
CA ALA D 112 -11.48 -0.53 34.29
C ALA D 112 -12.78 -0.32 35.06
N LEU D 113 -12.70 0.27 36.24
CA LEU D 113 -13.94 0.45 37.00
C LEU D 113 -14.85 1.57 36.46
N PRO D 114 -14.28 2.69 35.97
CA PRO D 114 -15.15 3.61 35.26
C PRO D 114 -15.87 2.94 34.08
N LEU D 115 -15.16 2.06 33.35
CA LEU D 115 -15.79 1.36 32.22
C LEU D 115 -16.90 0.42 32.71
N ALA D 116 -16.60 -0.38 33.74
CA ALA D 116 -17.57 -1.25 34.32
C ALA D 116 -18.83 -0.49 34.70
N GLU D 117 -18.68 0.68 35.33
CA GLU D 117 -19.88 1.48 35.62
C GLU D 117 -20.63 1.92 34.36
N ALA D 118 -19.90 2.41 33.36
CA ALA D 118 -20.51 2.96 32.14
C ALA D 118 -21.24 1.89 31.35
N LEU D 119 -20.77 0.66 31.47
CA LEU D 119 -21.38 -0.50 30.81
C LEU D 119 -22.69 -0.98 31.43
N GLY D 120 -23.03 -0.50 32.63
CA GLY D 120 -24.22 -1.02 33.35
C GLY D 120 -25.47 -1.10 32.48
N LEU D 121 -25.80 0.02 31.82
CA LEU D 121 -26.97 0.15 30.96
C LEU D 121 -26.98 -0.88 29.84
N VAL D 122 -25.78 -1.08 29.29
CA VAL D 122 -25.58 -2.00 28.17
C VAL D 122 -25.76 -3.44 28.63
N VAL D 123 -25.14 -3.79 29.74
CA VAL D 123 -25.28 -5.13 30.31
C VAL D 123 -26.75 -5.43 30.66
N ARG D 124 -27.43 -4.45 31.27
CA ARG D 124 -28.87 -4.63 31.58
C ARG D 124 -29.76 -4.78 30.35
N ARG D 125 -29.44 -4.06 29.28
CA ARG D 125 -30.19 -4.20 28.02
C ARG D 125 -30.00 -5.60 27.43
N ALA D 126 -28.76 -6.05 27.38
CA ALA D 126 -28.47 -7.42 26.95
C ALA D 126 -29.22 -8.47 27.85
N ARG D 127 -29.16 -8.30 29.16
CA ARG D 127 -29.91 -9.17 30.10
C ARG D 127 -31.42 -9.21 29.78
N THR D 128 -32.04 -8.03 29.62
CA THR D 128 -33.46 -7.91 29.26
C THR D 128 -33.82 -8.65 27.95
N LEU D 129 -32.93 -8.54 26.98
CA LEU D 129 -33.14 -9.12 25.66
C LEU D 129 -32.75 -10.58 25.54
N GLY D 130 -32.07 -11.10 26.56
CA GLY D 130 -31.59 -12.47 26.55
C GLY D 130 -30.44 -12.70 25.58
N VAL D 131 -29.62 -11.65 25.38
CA VAL D 131 -28.43 -11.74 24.52
C VAL D 131 -27.21 -11.74 25.44
N ARG D 132 -26.25 -12.64 25.19
CA ARG D 132 -25.05 -12.71 26.02
C ARG D 132 -24.05 -11.66 25.54
N LEU D 133 -23.66 -10.76 26.41
CA LEU D 133 -22.73 -9.68 26.01
C LEU D 133 -21.29 -10.11 26.29
N LEU D 134 -20.41 -9.90 25.31
CA LEU D 134 -19.02 -10.34 25.39
C LEU D 134 -18.10 -9.17 25.08
N LEU D 135 -17.15 -8.90 25.96
CA LEU D 135 -16.12 -7.91 25.69
C LEU D 135 -14.89 -8.59 25.07
N GLU D 136 -14.46 -8.09 23.92
CA GLU D 136 -13.30 -8.59 23.19
C GLU D 136 -12.09 -7.72 23.52
N ASN D 137 -10.88 -8.30 23.64
CA ASN D 137 -9.69 -7.46 23.82
C ASN D 137 -9.35 -6.84 22.47
N SER D 138 -9.00 -5.56 22.50
CA SER D 138 -8.55 -4.87 21.33
C SER D 138 -7.19 -4.25 21.64
N HIS D 139 -7.19 -3.06 22.24
CA HIS D 139 -5.94 -2.35 22.52
C HIS D 139 -5.51 -2.39 23.99
N GLU D 140 -6.16 -3.19 24.83
CA GLU D 140 -5.70 -3.25 26.22
C GLU D 140 -4.28 -3.81 26.26
N PRO D 141 -3.42 -3.21 27.09
CA PRO D 141 -2.04 -3.69 27.19
C PRO D 141 -1.94 -5.10 27.79
N HIS D 142 -2.87 -5.44 28.67
CA HIS D 142 -2.75 -6.64 29.50
C HIS D 142 -4.09 -7.12 30.03
N PRO D 143 -4.20 -8.42 30.36
CA PRO D 143 -5.51 -8.94 30.74
C PRO D 143 -5.92 -8.39 32.10
N GLU D 144 -4.96 -7.92 32.88
CA GLU D 144 -5.28 -7.26 34.15
C GLU D 144 -6.17 -6.03 33.97
N ALA D 145 -6.11 -5.42 32.79
CA ALA D 145 -6.98 -4.28 32.49
C ALA D 145 -8.44 -4.70 32.33
N LEU D 146 -8.68 -5.97 32.00
CA LEU D 146 -10.05 -6.45 31.75
C LEU D 146 -10.62 -7.22 32.91
N ARG D 147 -9.77 -7.86 33.71
CA ARG D 147 -10.31 -8.69 34.81
C ARG D 147 -11.30 -7.93 35.73
N PRO D 148 -10.96 -6.69 36.12
CA PRO D 148 -11.89 -6.02 37.04
C PRO D 148 -13.24 -5.67 36.38
N VAL D 149 -13.23 -5.48 35.04
CA VAL D 149 -14.47 -5.19 34.31
C VAL D 149 -15.37 -6.42 34.35
N LEU D 150 -14.77 -7.58 34.15
CA LEU D 150 -15.49 -8.83 34.19
C LEU D 150 -15.98 -9.13 35.61
N GLU D 151 -15.11 -8.97 36.59
CA GLU D 151 -15.50 -9.25 37.97
C GLU D 151 -16.61 -8.33 38.46
N ALA D 152 -16.58 -7.06 38.03
CA ALA D 152 -17.58 -6.08 38.46
C ALA D 152 -19.00 -6.49 38.05
N HIS D 153 -19.09 -7.16 36.91
CA HIS D 153 -20.35 -7.59 36.37
C HIS D 153 -20.79 -9.02 36.79
N ALA D 154 -19.96 -9.64 37.62
CA ALA D 154 -20.40 -10.79 38.40
C ALA D 154 -20.95 -11.93 37.53
N GLY D 155 -20.32 -12.19 36.40
CA GLY D 155 -20.80 -13.25 35.52
C GLY D 155 -21.74 -12.82 34.40
N GLU D 156 -22.20 -11.58 34.40
CA GLU D 156 -23.13 -11.11 33.36
C GLU D 156 -22.40 -10.55 32.15
N LEU D 157 -21.08 -10.47 32.21
CA LEU D 157 -20.29 -10.05 31.05
C LEU D 157 -19.22 -11.11 30.75
N GLY D 158 -19.22 -11.57 29.51
CA GLY D 158 -18.30 -12.60 29.06
C GLY D 158 -17.09 -11.98 28.39
N PHE D 159 -16.14 -12.85 28.06
CA PHE D 159 -14.89 -12.42 27.42
C PHE D 159 -14.72 -13.11 26.07
N CYS D 160 -14.36 -12.32 25.06
CA CYS D 160 -14.01 -12.83 23.74
C CYS D 160 -12.50 -12.59 23.51
N PHE D 161 -11.73 -13.64 23.27
CA PHE D 161 -10.27 -13.51 23.10
C PHE D 161 -9.87 -13.49 21.63
N ASP D 162 -9.19 -12.43 21.26
CA ASP D 162 -8.60 -12.23 19.93
C ASP D 162 -7.07 -12.22 20.11
N ALA D 163 -6.45 -13.35 19.78
CA ALA D 163 -5.01 -13.51 20.00
C ALA D 163 -4.18 -12.55 19.14
N ALA D 164 -4.64 -12.28 17.91
CA ALA D 164 -3.91 -11.36 17.04
C ALA D 164 -3.90 -9.96 17.62
N HIS D 165 -5.03 -9.52 18.15
CA HIS D 165 -5.04 -8.21 18.83
C HIS D 165 -4.05 -8.16 19.97
N ALA D 166 -3.99 -9.21 20.78
CA ALA D 166 -2.99 -9.21 21.84
C ALA D 166 -1.56 -9.15 21.28
N ARG D 167 -1.31 -9.93 20.22
CA ARG D 167 0.02 -10.02 19.63
C ARG D 167 0.47 -8.67 19.04
N VAL D 168 -0.40 -8.00 18.30
CA VAL D 168 0.03 -6.79 17.58
C VAL D 168 -0.23 -5.45 18.29
N PHE D 169 -1.18 -5.41 19.21
CA PHE D 169 -1.55 -4.14 19.86
C PHE D 169 -1.23 -4.04 21.35
N SER D 170 -0.97 -5.18 22.01
CA SER D 170 -0.87 -5.19 23.48
C SER D 170 0.60 -5.30 23.95
N ARG D 171 0.79 -5.25 25.25
CA ARG D 171 2.08 -5.50 25.92
C ARG D 171 2.23 -6.98 26.32
N THR D 172 1.23 -7.81 25.95
CA THR D 172 1.12 -9.20 26.42
C THR D 172 0.86 -10.10 25.17
N PRO D 173 1.90 -10.35 24.37
CA PRO D 173 1.70 -11.12 23.14
C PRO D 173 1.37 -12.59 23.39
N ASP D 174 1.77 -13.11 24.55
CA ASP D 174 1.55 -14.51 24.83
C ASP D 174 0.04 -14.73 25.11
N PRO D 175 -0.54 -15.78 24.51
CA PRO D 175 -1.97 -16.03 24.76
C PRO D 175 -2.31 -16.43 26.19
N GLY D 176 -1.38 -17.10 26.89
CA GLY D 176 -1.69 -17.68 28.21
C GLY D 176 -2.37 -16.78 29.23
N PRO D 177 -1.80 -15.58 29.47
CA PRO D 177 -2.41 -14.72 30.46
C PRO D 177 -3.81 -14.23 30.08
N TRP D 178 -4.09 -14.09 28.78
CA TRP D 178 -5.47 -13.81 28.33
C TRP D 178 -6.43 -15.00 28.50
N LEU D 179 -5.94 -16.19 28.20
CA LEU D 179 -6.73 -17.40 28.41
C LEU D 179 -7.14 -17.62 29.86
N ALA D 180 -6.37 -17.06 30.79
CA ALA D 180 -6.69 -17.10 32.23
C ALA D 180 -7.97 -16.33 32.57
N LEU D 181 -8.37 -15.42 31.69
CA LEU D 181 -9.68 -14.75 31.81
C LEU D 181 -10.87 -15.63 31.42
N ALA D 182 -10.60 -16.85 30.93
CA ALA D 182 -11.65 -17.85 30.59
C ALA D 182 -12.60 -17.43 29.45
N PRO D 183 -12.03 -17.08 28.27
CA PRO D 183 -12.88 -16.69 27.15
C PRO D 183 -13.88 -17.80 26.80
N GLU D 184 -15.13 -17.41 26.63
CA GLU D 184 -16.16 -18.35 26.19
C GLU D 184 -16.36 -18.26 24.69
N HIS D 185 -15.60 -17.38 24.04
CA HIS D 185 -15.82 -17.03 22.62
C HIS D 185 -14.43 -16.67 22.10
N LEU D 186 -14.02 -17.27 20.98
CA LEU D 186 -12.69 -16.97 20.43
C LEU D 186 -12.78 -16.39 19.03
N HIS D 187 -12.07 -15.29 18.80
CA HIS D 187 -11.92 -14.75 17.45
C HIS D 187 -10.61 -15.23 16.84
N LEU D 188 -10.69 -15.99 15.76
CA LEU D 188 -9.54 -16.71 15.23
C LEU D 188 -9.09 -16.17 13.87
N ASN D 189 -7.79 -16.00 13.73
CA ASN D 189 -7.13 -15.73 12.45
C ASN D 189 -5.66 -15.73 12.74
N ASP D 190 -4.84 -15.39 11.76
CA ASP D 190 -3.39 -15.34 12.01
C ASP D 190 -2.82 -14.02 11.49
N THR D 191 -1.61 -13.73 11.93
CA THR D 191 -0.96 -12.44 11.71
C THR D 191 0.53 -12.69 11.48
N ASP D 192 1.20 -11.72 10.84
CA ASP D 192 2.66 -11.72 10.67
C ASP D 192 3.38 -11.23 11.93
N GLY D 193 2.62 -10.81 12.93
CA GLY D 193 3.19 -10.24 14.16
C GLY D 193 3.37 -8.73 14.11
N VAL D 194 2.97 -8.12 12.99
CA VAL D 194 3.13 -6.66 12.79
C VAL D 194 1.75 -6.01 12.63
N TYR D 195 0.98 -6.55 11.69
CA TYR D 195 -0.36 -6.05 11.40
C TYR D 195 -1.44 -7.03 11.77
N ASP D 196 -2.62 -6.50 12.04
CA ASP D 196 -3.81 -7.34 12.24
C ASP D 196 -4.30 -7.82 10.85
N ARG D 197 -3.61 -8.83 10.32
CA ARG D 197 -3.76 -9.28 8.93
C ARG D 197 -5.09 -9.99 8.65
N HIS D 198 -5.68 -10.62 9.66
CA HIS D 198 -6.89 -11.43 9.42
C HIS D 198 -6.65 -12.55 8.38
N TRP D 199 -5.47 -13.17 8.43
CA TRP D 199 -5.15 -14.27 7.55
C TRP D 199 -5.80 -15.56 8.06
N ASN D 200 -5.89 -16.54 7.15
CA ASN D 200 -6.35 -17.87 7.56
C ASN D 200 -5.40 -18.48 8.57
N LEU D 201 -5.94 -19.35 9.42
CA LEU D 201 -5.14 -20.16 10.34
C LEU D 201 -4.03 -20.89 9.60
N GLY D 202 -2.86 -20.97 10.24
CA GLY D 202 -1.72 -21.70 9.72
C GLY D 202 -0.81 -20.84 8.87
N ARG D 203 -1.19 -19.60 8.60
CA ARG D 203 -0.44 -18.74 7.65
C ARG D 203 0.47 -17.68 8.31
N GLY D 204 0.40 -17.58 9.63
CA GLY D 204 1.15 -16.56 10.34
C GLY D 204 1.92 -17.11 11.51
N VAL D 205 2.05 -16.31 12.55
CA VAL D 205 2.98 -16.60 13.63
C VAL D 205 2.33 -17.07 14.94
N LEU D 206 1.00 -17.10 15.00
CA LEU D 206 0.38 -17.29 16.34
C LEU D 206 0.51 -18.71 16.89
N GLY D 207 0.78 -19.68 16.01
CA GLY D 207 0.98 -21.06 16.48
C GLY D 207 -0.16 -21.65 17.30
N HIS D 208 -1.38 -21.60 16.74
CA HIS D 208 -2.58 -22.02 17.45
C HIS D 208 -2.51 -23.45 17.97
N GLY D 209 -1.80 -24.32 17.26
CA GLY D 209 -1.68 -25.72 17.73
C GLY D 209 -1.14 -25.82 19.15
N ALA D 210 -0.33 -24.86 19.56
CA ALA D 210 0.29 -24.84 20.89
C ALA D 210 -0.66 -24.46 22.04
N TRP D 211 -1.76 -23.79 21.72
CA TRP D 211 -2.64 -23.30 22.77
C TRP D 211 -4.16 -23.48 22.60
N LEU D 212 -4.62 -23.65 21.36
CA LEU D 212 -6.05 -23.61 21.05
C LEU D 212 -6.76 -24.94 21.32
N ARG D 213 -6.01 -26.03 21.37
CA ARG D 213 -6.68 -27.35 21.43
C ARG D 213 -7.73 -27.53 22.53
N PRO D 214 -7.46 -27.02 23.76
CA PRO D 214 -8.46 -27.20 24.81
C PRO D 214 -9.74 -26.43 24.62
N TYR D 215 -9.75 -25.51 23.64
CA TYR D 215 -10.90 -24.58 23.43
C TYR D 215 -11.79 -24.94 22.24
N LEU D 216 -11.55 -26.07 21.62
CA LEU D 216 -12.28 -26.43 20.41
C LEU D 216 -13.75 -26.75 20.64
N ASP D 217 -14.16 -26.85 21.90
CA ASP D 217 -15.58 -27.01 22.24
C ASP D 217 -16.31 -25.69 22.52
N ARG D 218 -15.64 -24.56 22.29
CA ARG D 218 -16.26 -23.27 22.53
C ARG D 218 -16.52 -22.64 21.19
N THR D 219 -17.34 -21.61 21.19
CA THR D 219 -17.64 -20.91 19.93
C THR D 219 -16.38 -20.24 19.35
N MET D 220 -16.08 -20.53 18.09
CA MET D 220 -14.97 -19.91 17.41
C MET D 220 -15.47 -19.14 16.20
N VAL D 221 -14.99 -17.92 16.07
CA VAL D 221 -15.38 -17.09 14.92
C VAL D 221 -14.14 -16.88 14.03
N LEU D 222 -14.27 -17.18 12.74
CA LEU D 222 -13.20 -17.00 11.80
C LEU D 222 -13.26 -15.55 11.33
N GLU D 223 -12.33 -14.75 11.81
CA GLU D 223 -12.23 -13.32 11.42
C GLU D 223 -11.17 -13.24 10.33
N VAL D 224 -11.54 -13.73 9.16
CA VAL D 224 -10.60 -13.92 8.07
C VAL D 224 -11.12 -13.18 6.84
N ARG D 225 -10.22 -12.48 6.17
CA ARG D 225 -10.63 -11.62 5.04
C ARG D 225 -10.78 -12.41 3.76
N GLU D 226 -9.98 -13.47 3.62
CA GLU D 226 -10.01 -14.36 2.45
C GLU D 226 -11.04 -15.48 2.69
N ASP D 227 -11.25 -16.35 1.70
CA ASP D 227 -12.18 -17.44 1.90
C ASP D 227 -11.75 -18.30 3.07
N PRO D 228 -12.69 -18.63 3.97
CA PRO D 228 -12.37 -19.26 5.25
C PRO D 228 -12.16 -20.77 5.21
N GLU D 229 -12.33 -21.38 4.03
CA GLU D 229 -12.25 -22.85 3.95
C GLU D 229 -10.94 -23.38 4.54
N ALA D 230 -9.82 -22.73 4.27
CA ALA D 230 -8.52 -23.18 4.82
C ALA D 230 -8.49 -23.16 6.35
N SER D 231 -9.10 -22.15 6.97
CA SER D 231 -9.14 -22.13 8.44
C SER D 231 -10.05 -23.24 8.97
N LEU D 232 -11.19 -23.45 8.33
CA LEU D 232 -12.07 -24.54 8.77
C LEU D 232 -11.32 -25.89 8.68
N ALA D 233 -10.60 -26.12 7.57
CA ALA D 233 -9.78 -27.33 7.43
C ALA D 233 -8.73 -27.47 8.54
N PHE D 234 -8.07 -26.36 8.87
CA PHE D 234 -7.10 -26.30 9.96
C PHE D 234 -7.77 -26.75 11.27
N LEU D 235 -8.97 -26.22 11.58
CA LEU D 235 -9.64 -26.60 12.81
C LEU D 235 -10.06 -28.08 12.84
N GLN D 236 -10.59 -28.56 11.71
CA GLN D 236 -10.95 -29.98 11.61
C GLN D 236 -9.73 -30.86 11.79
N ALA D 237 -8.60 -30.48 11.20
CA ALA D 237 -7.36 -31.26 11.41
C ALA D 237 -6.96 -31.26 12.88
N LEU D 238 -7.03 -30.09 13.51
CA LEU D 238 -6.71 -30.00 14.92
C LEU D 238 -7.67 -30.84 15.75
N ALA D 239 -8.96 -30.81 15.44
CA ALA D 239 -9.96 -31.57 16.21
C ALA D 239 -9.67 -33.07 16.11
N GLY D 240 -9.37 -33.54 14.88
CA GLY D 240 -9.02 -34.94 14.62
C GLY D 240 -7.76 -35.37 15.35
N GLU D 241 -6.90 -34.40 15.67
CA GLU D 241 -5.66 -34.68 16.41
C GLU D 241 -5.84 -34.69 17.93
N GLY D 242 -7.01 -34.25 18.42
CA GLY D 242 -7.20 -34.07 19.85
C GLY D 242 -8.46 -34.70 20.43
N ARG D 243 -8.70 -34.44 21.72
CA ARG D 243 -9.84 -34.97 22.46
C ARG D 243 -10.38 -33.95 23.47
N THR D 244 -11.62 -33.52 23.24
CA THR D 244 -12.53 -32.92 24.25
C THR D 244 -13.54 -31.92 23.65
ZN ZN E . -1.73 16.27 18.19
ZN ZN F . 1.67 16.14 18.78
ZN ZN G . 1.34 12.93 21.56
ZN ZN H . 16.25 -12.57 -11.88
ZN ZN I . 17.97 -11.35 -9.07
ZN ZN J . 18.58 -7.56 -10.79
ZN ZN K . -0.19 3.99 -23.30
ZN ZN L . -0.81 6.94 -21.47
ZN ZN M . -1.17 4.88 -17.75
ZN ZN N . -13.75 -7.09 17.28
ZN ZN O . -11.66 -9.78 16.99
ZN ZN P . -8.90 -7.83 14.31
#